data_6A2N
#
_entry.id   6A2N
#
_cell.length_a   59.706
_cell.length_b   157.107
_cell.length_c   166.426
_cell.angle_alpha   90.000
_cell.angle_beta   90.000
_cell.angle_gamma   90.000
#
_symmetry.space_group_name_H-M   'P 21 21 21'
#
loop_
_entity.id
_entity.type
_entity.pdbx_description
1 polymer 'Bifunctional dihydrofolate reductase-thymidylate synthase'
2 non-polymer 5-(4-{3-[(2,4-diamino-6-ethylpyrimidin-5-yl)oxy]propoxy}phenyl)-6-ethylpyrimidine-2,4-diamine
3 non-polymer 'NADP NICOTINAMIDE-ADENINE-DINUCLEOTIDE PHOSPHATE'
4 non-polymer "2'-DEOXYURIDINE 5'-MONOPHOSPHATE"
5 water water
#
_entity_poly.entity_id   1
_entity_poly.type   'polypeptide(L)'
_entity_poly.pdbx_seq_one_letter_code
;MMEQVCDVFDIYAICACCKVESKNEGKKNEVFNNYTFRGLGNKGVLPWKCISLDMKYFRAVTTYVNESKYEKLKYKRCKY
LNKETVDNVNDMPNSKKLQNVVVMGRTNWESIPKKFKPLSNRINVILSRTLKKEDFDEDVYIINKVEDLIVLLGKLNYYK
CFILGGSVVYQEFLEKKLIKKIYFTRINSTYECDVFFPEINENEYQIISVSDVYTSNNTTLDFIIYKKTNNKMLNEQNCI
KGEEKNNDMPLKNDDKDTCHMKKLTEFYKNVDKYKINYENDDDDEEEDDFVYFNFNKEKEEKNKNSIHPNDFQIYNSLKY
KYHPEYQYLNIIYDIMMNGNKQSDRTGVGVLSKFGYIMKFDLSQYFPLLTTKKLFLRGIIEELLWFIRGETNGNTLLNKN
VRIWEANGTREFLDNRKLFHREVNDLGPIYGFQWRHFGAEYTNMYDNYENKGVDQLKNIINLIKNDPTSRRILLCAWNVK
DLDQMALPPCHILCQFYVFDGKLSCIMYQRSCDLGLGVPFNIASYSIFTHMIAQVCNLQPAQFIHVLGNAHVYNNHIDSL
KIQLNRIPYPFPTLKLNPDIKNIEDFTISDFTIQNYVHHEKISMDMAA
;
_entity_poly.pdbx_strand_id   A,B
#
loop_
_chem_comp.id
_chem_comp.type
_chem_comp.name
_chem_comp.formula
9QR non-polymer 5-(4-{3-[(2,4-diamino-6-ethylpyrimidin-5-yl)oxy]propoxy}phenyl)-6-ethylpyrimidine-2,4-diamine 'C21 H28 N8 O2'
NAP non-polymer 'NADP NICOTINAMIDE-ADENINE-DINUCLEOTIDE PHOSPHATE' 'C21 H28 N7 O17 P3'
UMP non-polymer '2'-DEOXYURIDINE 5'-MONOPHOSPHATE' 'C9 H13 N2 O8 P'
#
# COMPACT_ATOMS: atom_id res chain seq x y z
N MET A 1 19.81 38.95 9.99
CA MET A 1 19.67 38.70 11.45
C MET A 1 20.60 37.58 11.92
N MET A 2 21.28 37.81 13.06
CA MET A 2 22.16 36.83 13.72
C MET A 2 21.34 35.64 14.26
N GLU A 3 21.62 34.44 13.72
CA GLU A 3 20.79 33.23 13.89
C GLU A 3 20.52 32.82 15.34
N GLN A 4 19.49 31.98 15.53
CA GLN A 4 19.05 31.51 16.84
C GLN A 4 20.02 30.51 17.50
N VAL A 5 20.24 30.71 18.80
CA VAL A 5 21.18 29.90 19.62
C VAL A 5 20.87 28.39 19.50
N CYS A 6 19.59 28.03 19.72
CA CYS A 6 19.12 26.64 19.65
C CYS A 6 19.44 25.98 18.33
N ASP A 7 19.48 26.76 17.25
CA ASP A 7 19.81 26.27 15.91
C ASP A 7 21.28 26.05 15.67
N VAL A 8 22.11 26.89 16.29
CA VAL A 8 23.56 26.77 16.14
C VAL A 8 23.95 25.48 16.86
N PHE A 9 23.46 25.35 18.08
CA PHE A 9 23.97 24.35 18.98
C PHE A 9 23.12 23.08 19.09
N ASP A 10 21.95 23.10 18.43
CA ASP A 10 21.01 21.96 18.31
C ASP A 10 20.47 21.48 19.65
N ILE A 11 19.78 22.41 20.31
CA ILE A 11 19.19 22.17 21.61
C ILE A 11 17.74 21.73 21.42
N TYR A 12 17.45 20.52 21.90
CA TYR A 12 16.13 19.90 21.83
C TYR A 12 15.69 19.49 23.24
N ALA A 13 14.39 19.50 23.53
CA ALA A 13 13.88 18.90 24.75
C ALA A 13 13.24 17.54 24.44
N ILE A 14 13.35 16.61 25.39
CA ILE A 14 12.75 15.28 25.32
C ILE A 14 12.13 15.00 26.69
N CYS A 15 10.84 14.64 26.69
CA CYS A 15 10.03 14.41 27.89
C CYS A 15 9.05 13.31 27.65
N ALA A 16 8.48 12.80 28.74
CA ALA A 16 7.42 11.83 28.73
C ALA A 16 6.33 12.35 29.66
N CYS A 17 5.10 12.49 29.17
CA CYS A 17 3.99 13.04 29.95
C CYS A 17 2.76 12.15 29.98
N CYS A 18 2.26 11.90 31.19
CA CYS A 18 1.05 11.15 31.37
C CYS A 18 -0.11 12.09 31.68
N LYS A 19 -1.27 11.49 31.88
CA LYS A 19 -2.45 12.24 32.25
C LYS A 19 -2.53 12.29 33.77
N VAL A 20 -3.18 13.34 34.28
CA VAL A 20 -3.19 13.57 35.73
C VAL A 20 -4.55 13.49 36.39
N GLU A 21 -4.54 12.74 37.50
CA GLU A 21 -5.67 12.53 38.41
C GLU A 21 -6.26 13.87 38.87
N SER A 22 -7.42 14.23 38.31
CA SER A 22 -8.21 15.38 38.76
C SER A 22 -9.60 14.85 39.17
N LYS A 23 -9.58 14.09 40.26
CA LYS A 23 -10.71 13.29 40.75
C LYS A 23 -11.80 14.11 41.47
N ASN A 24 -12.83 13.39 41.94
CA ASN A 24 -13.99 13.92 42.69
C ASN A 24 -14.91 14.85 41.87
N GLU A 25 -15.12 14.51 40.59
CA GLU A 25 -15.96 15.29 39.66
C GLU A 25 -16.88 14.46 38.75
N GLY A 26 -16.39 13.32 38.26
CA GLY A 26 -17.13 12.44 37.35
C GLY A 26 -16.79 12.69 35.89
N LYS A 27 -16.02 11.77 35.29
CA LYS A 27 -15.42 11.95 33.95
C LYS A 27 -16.36 11.68 32.75
N LYS A 28 -17.66 11.94 32.95
CA LYS A 28 -18.68 11.72 31.90
C LYS A 28 -18.63 12.75 30.77
N ASN A 29 -18.26 13.99 31.10
CA ASN A 29 -18.00 15.02 30.10
C ASN A 29 -16.62 15.65 30.29
N GLU A 30 -15.64 15.14 29.55
CA GLU A 30 -14.26 15.63 29.64
C GLU A 30 -13.79 16.31 28.35
N VAL A 31 -13.14 17.47 28.50
CA VAL A 31 -12.52 18.18 27.40
C VAL A 31 -11.07 17.70 27.33
N PHE A 32 -10.62 17.32 26.14
CA PHE A 32 -9.24 16.93 25.93
C PHE A 32 -8.53 17.92 25.05
N ASN A 33 -7.30 18.25 25.40
CA ASN A 33 -6.40 19.02 24.52
C ASN A 33 -4.93 18.55 24.67
N ASN A 34 -4.00 19.19 23.97
CA ASN A 34 -2.55 18.89 24.13
C ASN A 34 -2.06 18.85 25.59
N TYR A 35 -2.51 19.84 26.36
CA TYR A 35 -2.29 19.95 27.80
C TYR A 35 -2.88 18.81 28.67
N THR A 36 -3.60 17.87 28.02
CA THR A 36 -4.05 16.62 28.66
C THR A 36 -2.86 15.80 29.15
N PHE A 37 -1.81 15.79 28.35
CA PHE A 37 -0.57 15.08 28.67
C PHE A 37 0.46 16.09 29.21
N ARG A 38 0.62 16.08 30.52
CA ARG A 38 1.43 17.07 31.22
C ARG A 38 2.16 16.54 32.45
N GLY A 39 1.80 15.36 32.92
CA GLY A 39 2.38 14.81 34.15
C GLY A 39 3.79 14.29 33.98
N LEU A 40 4.73 14.88 34.72
CA LEU A 40 6.17 14.53 34.62
C LEU A 40 6.67 13.66 35.75
N GLY A 41 6.22 13.91 36.97
CA GLY A 41 6.78 13.24 38.13
C GLY A 41 5.90 13.26 39.35
N ASN A 42 6.28 12.45 40.33
CA ASN A 42 5.59 12.36 41.61
C ASN A 42 6.53 12.01 42.75
N LYS A 43 6.58 12.88 43.76
CA LYS A 43 7.39 12.67 44.97
C LYS A 43 8.85 12.40 44.60
N GLY A 44 9.40 13.31 43.78
CA GLY A 44 10.78 13.23 43.29
C GLY A 44 11.15 12.06 42.38
N VAL A 45 10.17 11.19 42.07
CA VAL A 45 10.36 10.05 41.13
C VAL A 45 9.34 10.05 39.96
N LEU A 46 9.48 9.09 39.02
CA LEU A 46 8.58 8.99 37.86
C LEU A 46 7.20 8.50 38.32
N PRO A 47 6.09 9.06 37.75
CA PRO A 47 4.70 8.70 38.15
C PRO A 47 4.31 7.23 37.91
N TRP A 48 5.04 6.56 37.03
CA TRP A 48 4.70 5.19 36.61
C TRP A 48 5.81 4.26 37.03
N LYS A 49 5.62 2.96 36.87
CA LYS A 49 6.65 1.98 37.24
C LYS A 49 7.84 1.93 36.26
N CYS A 50 7.65 1.44 35.04
CA CYS A 50 8.74 1.39 34.07
C CYS A 50 8.48 2.16 32.76
N ILE A 51 7.53 1.65 31.98
CA ILE A 51 7.31 2.02 30.55
C ILE A 51 8.58 1.90 29.72
N SER A 52 8.99 0.65 29.52
CA SER A 52 10.28 0.32 28.91
C SER A 52 10.39 0.73 27.45
N LEU A 53 9.26 0.80 26.74
CA LEU A 53 9.32 1.27 25.35
C LEU A 53 9.71 2.75 25.27
N ASP A 54 9.28 3.55 26.24
CA ASP A 54 9.68 4.94 26.27
C ASP A 54 11.17 5.10 26.60
N MET A 55 11.63 4.27 27.52
CA MET A 55 13.02 4.22 27.94
C MET A 55 13.93 3.81 26.80
N LYS A 56 13.47 2.86 25.98
CA LYS A 56 14.23 2.42 24.80
C LYS A 56 14.27 3.54 23.77
N TYR A 57 13.17 4.27 23.65
CA TYR A 57 13.12 5.42 22.72
C TYR A 57 14.04 6.56 23.16
N PHE A 58 13.95 6.87 24.46
CA PHE A 58 14.72 7.94 25.08
C PHE A 58 16.23 7.74 24.88
N ARG A 59 16.66 6.50 25.14
CA ARG A 59 18.04 6.10 24.96
C ARG A 59 18.44 6.18 23.50
N ALA A 60 17.56 5.75 22.58
CA ALA A 60 17.90 5.70 21.18
C ALA A 60 18.07 7.10 20.60
N VAL A 61 17.19 8.03 20.97
CA VAL A 61 17.26 9.41 20.51
C VAL A 61 18.49 10.11 21.10
N THR A 62 18.67 10.01 22.42
CA THR A 62 19.73 10.75 23.11
C THR A 62 21.15 10.22 22.86
N THR A 63 21.28 8.97 22.41
CA THR A 63 22.61 8.44 22.06
C THR A 63 22.88 8.36 20.56
N TYR A 64 21.87 8.64 19.73
CA TYR A 64 22.06 8.53 18.27
C TYR A 64 22.93 9.66 17.71
N VAL A 65 24.00 9.29 17.01
CA VAL A 65 24.89 10.25 16.32
C VAL A 65 25.08 9.95 14.81
N ASN A 66 25.24 11.01 14.03
CA ASN A 66 25.66 10.84 12.64
C ASN A 66 27.00 11.53 12.32
N GLU A 67 28.07 10.72 12.28
CA GLU A 67 29.42 11.22 12.00
C GLU A 67 29.50 12.12 10.74
N SER A 68 28.98 11.64 9.60
CA SER A 68 28.95 12.40 8.32
C SER A 68 28.31 13.77 8.39
N LYS A 69 27.40 13.96 9.35
CA LYS A 69 26.67 15.22 9.49
C LYS A 69 27.40 16.22 10.36
N TYR A 70 28.35 15.73 11.16
CA TYR A 70 29.08 16.59 12.11
C TYR A 70 29.95 17.64 11.43
N GLU A 71 30.67 17.22 10.40
CA GLU A 71 31.58 18.11 9.67
C GLU A 71 30.91 19.41 9.26
N LYS A 72 29.64 19.33 8.87
CA LYS A 72 28.82 20.52 8.62
C LYS A 72 28.46 21.24 9.93
N LEU A 73 28.05 20.48 10.95
CA LEU A 73 27.66 21.07 12.25
C LEU A 73 28.79 21.90 12.86
N LYS A 74 29.99 21.30 12.86
CA LYS A 74 31.25 21.95 13.27
C LYS A 74 31.46 23.30 12.56
N TYR A 75 31.48 23.28 11.22
CA TYR A 75 31.57 24.48 10.37
C TYR A 75 30.64 25.61 10.87
N LYS A 76 29.35 25.31 10.98
CA LYS A 76 28.30 26.24 11.41
C LYS A 76 28.54 26.87 12.79
N ARG A 77 28.91 26.04 13.78
CA ARG A 77 29.15 26.51 15.16
C ARG A 77 30.36 27.43 15.24
N CYS A 78 31.42 27.07 14.51
CA CYS A 78 32.63 27.86 14.42
C CYS A 78 32.45 29.13 13.57
N LYS A 79 31.54 29.09 12.59
CA LYS A 79 31.16 30.29 11.83
C LYS A 79 30.46 31.25 12.78
N TYR A 80 29.50 30.74 13.54
CA TYR A 80 28.73 31.58 14.45
C TYR A 80 29.62 32.26 15.51
N LEU A 81 30.72 31.60 15.88
CA LEU A 81 31.59 32.04 16.97
C LEU A 81 32.90 32.73 16.54
N ASN A 82 32.97 33.13 15.26
CA ASN A 82 34.18 33.73 14.62
C ASN A 82 35.42 32.83 14.53
N LYS A 83 35.31 31.59 15.00
CA LYS A 83 36.44 30.63 15.05
C LYS A 83 36.78 29.96 13.71
N GLU A 84 37.94 29.30 13.68
CA GLU A 84 38.45 28.50 12.55
C GLU A 84 38.06 27.02 12.68
N THR A 85 38.42 26.21 11.68
CA THR A 85 38.17 24.76 11.70
C THR A 85 39.32 23.98 11.07
N LYS A 96 37.45 10.12 22.11
CA LYS A 96 36.66 9.00 21.60
C LYS A 96 35.57 9.43 20.60
N LYS A 97 34.75 8.47 20.17
CA LYS A 97 33.59 8.63 19.27
C LYS A 97 32.69 9.83 19.61
N LEU A 98 32.08 10.42 18.57
CA LEU A 98 31.14 11.53 18.74
C LEU A 98 29.93 11.10 19.58
N GLN A 99 29.52 12.00 20.46
CA GLN A 99 28.47 11.74 21.43
C GLN A 99 27.53 12.92 21.49
N ASN A 100 26.33 12.72 22.02
CA ASN A 100 25.45 13.81 22.36
C ASN A 100 25.73 14.31 23.76
N VAL A 101 25.34 15.56 24.00
CA VAL A 101 25.27 16.17 25.30
C VAL A 101 23.82 16.02 25.84
N VAL A 102 23.74 15.65 27.12
CA VAL A 102 22.47 15.60 27.85
C VAL A 102 22.57 16.53 29.07
N VAL A 103 21.53 17.32 29.28
CA VAL A 103 21.49 18.28 30.37
C VAL A 103 20.27 17.95 31.28
N MET A 104 20.53 17.86 32.58
CA MET A 104 19.47 17.67 33.56
C MET A 104 19.60 18.57 34.78
N GLY A 105 18.49 18.79 35.47
CA GLY A 105 18.49 19.48 36.77
C GLY A 105 19.05 18.61 37.89
N ARG A 106 19.29 19.24 39.05
CA ARG A 106 19.86 18.53 40.20
C ARG A 106 18.92 17.44 40.66
N THR A 107 17.66 17.81 40.89
CA THR A 107 16.64 16.86 41.37
C THR A 107 16.52 15.67 40.44
N ASN A 108 16.43 15.97 39.13
CA ASN A 108 16.47 14.95 38.10
C ASN A 108 17.69 14.04 38.20
N TRP A 109 18.87 14.62 38.38
CA TRP A 109 20.09 13.82 38.53
C TRP A 109 20.05 12.91 39.75
N GLU A 110 19.45 13.41 40.85
CA GLU A 110 19.42 12.63 42.10
C GLU A 110 18.34 11.55 42.08
N SER A 111 17.34 11.72 41.21
CA SER A 111 16.31 10.69 41.01
C SER A 111 16.85 9.49 40.23
N ILE A 112 18.00 9.65 39.57
CA ILE A 112 18.57 8.55 38.79
C ILE A 112 19.28 7.57 39.71
N PRO A 113 18.99 6.25 39.57
CA PRO A 113 19.81 5.18 40.17
C PRO A 113 21.30 5.27 39.85
N LYS A 114 22.09 4.86 40.84
CA LYS A 114 23.55 4.95 40.80
C LYS A 114 24.16 4.19 39.64
N LYS A 115 23.75 2.92 39.46
CA LYS A 115 24.31 2.05 38.40
C LYS A 115 24.07 2.58 36.97
N PHE A 116 23.21 3.58 36.85
CA PHE A 116 22.92 4.23 35.58
C PHE A 116 23.59 5.61 35.40
N LYS A 117 24.23 6.15 36.46
CA LYS A 117 24.92 7.45 36.45
C LYS A 117 26.43 7.33 36.21
N PRO A 118 27.01 8.19 35.35
CA PRO A 118 26.34 9.11 34.40
C PRO A 118 25.75 8.33 33.23
N LEU A 119 24.74 8.91 32.58
CA LEU A 119 24.04 8.26 31.45
C LEU A 119 25.04 7.85 30.38
N SER A 120 25.03 6.58 30.01
CA SER A 120 26.08 5.99 29.18
C SER A 120 26.11 6.50 27.75
N ASN A 121 27.32 6.70 27.21
CA ASN A 121 27.60 7.22 25.87
C ASN A 121 27.16 8.64 25.61
N ARG A 122 27.08 9.44 26.67
CA ARG A 122 26.58 10.80 26.59
C ARG A 122 27.39 11.65 27.57
N ILE A 123 27.69 12.86 27.15
CA ILE A 123 28.31 13.84 27.98
C ILE A 123 27.21 14.37 28.90
N ASN A 124 27.37 14.15 30.20
CA ASN A 124 26.38 14.61 31.19
C ASN A 124 26.63 16.03 31.75
N VAL A 125 25.56 16.79 31.90
CA VAL A 125 25.61 18.19 32.35
C VAL A 125 24.53 18.42 33.41
N ILE A 126 24.86 19.07 34.50
CA ILE A 126 23.87 19.32 35.56
C ILE A 126 23.75 20.82 35.85
N LEU A 127 22.51 21.31 35.93
CA LEU A 127 22.22 22.63 36.47
C LEU A 127 21.97 22.49 37.96
N SER A 128 22.68 23.31 38.75
CA SER A 128 22.64 23.28 40.22
C SER A 128 23.33 24.53 40.80
N ARG A 129 22.72 25.10 41.84
CA ARG A 129 23.37 26.12 42.67
C ARG A 129 23.90 25.54 43.98
N THR A 130 23.17 24.58 44.57
CA THR A 130 23.55 24.01 45.88
C THR A 130 24.78 23.10 45.85
N LEU A 131 24.96 22.35 44.77
CA LEU A 131 26.11 21.44 44.65
C LEU A 131 27.13 21.97 43.64
N LYS A 132 28.41 21.76 43.96
CA LYS A 132 29.56 22.15 43.13
C LYS A 132 30.34 20.92 42.66
N LYS A 133 31.31 21.14 41.78
CA LYS A 133 32.09 20.06 41.15
C LYS A 133 32.69 19.03 42.12
N GLU A 134 33.09 19.49 43.30
CA GLU A 134 33.82 18.68 44.26
C GLU A 134 32.90 17.68 44.95
N ASP A 135 31.59 17.91 44.86
CA ASP A 135 30.59 17.02 45.46
C ASP A 135 30.29 15.79 44.60
N PHE A 136 30.85 15.76 43.39
CA PHE A 136 30.61 14.67 42.43
C PHE A 136 31.87 13.87 42.17
N ASP A 137 31.76 12.56 42.39
CA ASP A 137 32.76 11.61 41.93
C ASP A 137 32.79 11.52 40.39
N GLU A 138 31.64 11.75 39.75
CA GLU A 138 31.43 11.30 38.37
C GLU A 138 31.90 12.27 37.31
N ASP A 139 32.18 11.69 36.16
CA ASP A 139 32.50 12.41 34.95
C ASP A 139 31.25 13.12 34.44
N VAL A 140 31.07 14.35 34.92
CA VAL A 140 29.93 15.21 34.63
C VAL A 140 30.39 16.66 34.64
N TYR A 141 29.68 17.52 33.92
CA TYR A 141 29.88 18.97 34.01
C TYR A 141 28.83 19.60 34.92
N ILE A 142 29.28 20.41 35.88
CA ILE A 142 28.34 21.21 36.68
C ILE A 142 28.29 22.62 36.10
N ILE A 143 27.09 23.15 35.89
CA ILE A 143 26.89 24.56 35.54
C ILE A 143 25.85 25.16 36.47
N ASN A 144 26.00 26.44 36.79
CA ASN A 144 25.09 27.14 37.72
C ASN A 144 24.12 28.13 37.06
N LYS A 145 24.28 28.34 35.75
CA LYS A 145 23.46 29.27 34.98
C LYS A 145 23.28 28.68 33.59
N VAL A 146 22.20 29.07 32.91
CA VAL A 146 21.93 28.57 31.54
C VAL A 146 22.97 29.10 30.54
N GLU A 147 23.37 30.36 30.71
CA GLU A 147 24.39 31.01 29.85
C GLU A 147 25.65 30.15 29.72
N ASP A 148 25.97 29.45 30.81
CA ASP A 148 27.20 28.68 30.97
C ASP A 148 27.22 27.39 30.16
N LEU A 149 26.03 26.85 29.88
CA LEU A 149 25.86 25.74 28.94
C LEU A 149 26.22 26.19 27.53
N ILE A 150 25.68 27.35 27.13
CA ILE A 150 26.02 27.94 25.84
C ILE A 150 27.54 28.08 25.69
N VAL A 151 28.20 28.64 26.71
CA VAL A 151 29.66 28.75 26.69
C VAL A 151 30.33 27.36 26.56
N LEU A 152 29.89 26.40 27.40
CA LEU A 152 30.38 25.01 27.38
C LEU A 152 30.16 24.31 26.06
N LEU A 153 29.02 24.57 25.43
CA LEU A 153 28.71 23.92 24.16
C LEU A 153 29.66 24.35 23.08
N GLY A 154 30.10 25.61 23.15
CA GLY A 154 31.11 26.18 22.24
C GLY A 154 32.45 25.50 22.39
N LYS A 155 32.76 25.03 23.60
CA LYS A 155 34.02 24.34 23.86
C LYS A 155 34.02 22.85 23.44
N LEU A 156 32.86 22.20 23.53
CA LEU A 156 32.86 20.76 23.35
C LEU A 156 32.70 20.32 21.89
N ASN A 157 33.29 19.16 21.58
CA ASN A 157 32.95 18.40 20.40
C ASN A 157 31.73 17.52 20.72
N TYR A 158 30.61 17.75 20.02
CA TYR A 158 29.37 16.99 20.25
C TYR A 158 28.41 17.01 19.06
N TYR A 159 27.52 16.02 19.01
CA TYR A 159 26.48 15.92 17.98
C TYR A 159 25.31 16.89 18.24
N LYS A 160 24.50 16.58 19.26
CA LYS A 160 23.31 17.36 19.59
C LYS A 160 23.16 17.45 21.08
N CYS A 161 22.31 18.38 21.52
CA CYS A 161 22.11 18.63 22.93
C CYS A 161 20.65 18.45 23.35
N PHE A 162 20.42 17.55 24.31
CA PHE A 162 19.07 17.22 24.80
C PHE A 162 18.81 17.60 26.26
N ILE A 163 17.77 18.41 26.48
CA ILE A 163 17.36 18.84 27.79
C ILE A 163 16.38 17.80 28.33
N LEU A 164 16.71 17.19 29.47
CA LEU A 164 15.96 16.02 29.96
C LEU A 164 15.01 16.28 31.11
N GLY A 165 14.87 17.53 31.53
CA GLY A 165 14.10 17.86 32.73
C GLY A 165 14.93 18.08 34.00
N GLY A 166 14.30 18.18 35.18
CA GLY A 166 12.84 18.22 35.36
C GLY A 166 12.12 19.52 35.01
N SER A 167 10.97 19.75 35.64
CA SER A 167 9.99 20.76 35.18
C SER A 167 10.54 22.16 35.20
N VAL A 168 11.38 22.41 36.20
CA VAL A 168 12.06 23.68 36.45
C VAL A 168 13.05 23.98 35.33
N VAL A 169 13.87 22.99 34.98
CA VAL A 169 14.80 23.07 33.83
C VAL A 169 14.02 23.27 32.54
N TYR A 170 12.98 22.44 32.33
CA TYR A 170 12.18 22.52 31.12
C TYR A 170 11.62 23.93 30.98
N GLN A 171 10.90 24.37 32.02
CA GLN A 171 10.21 25.67 32.07
C GLN A 171 11.11 26.84 31.67
N GLU A 172 12.29 26.92 32.28
CA GLU A 172 13.19 28.03 31.98
C GLU A 172 13.83 27.97 30.60
N PHE A 173 14.04 26.76 30.08
CA PHE A 173 14.55 26.60 28.71
C PHE A 173 13.57 27.05 27.64
N LEU A 174 12.29 26.79 27.90
CA LEU A 174 11.17 27.22 27.08
C LEU A 174 10.90 28.71 27.27
N GLU A 175 10.96 29.18 28.52
CA GLU A 175 10.78 30.61 28.87
C GLU A 175 11.87 31.51 28.26
N LYS A 176 13.11 31.01 28.22
CA LYS A 176 14.27 31.68 27.60
C LYS A 176 14.43 31.29 26.13
N LYS A 177 13.46 30.52 25.64
CA LYS A 177 13.25 30.22 24.21
C LYS A 177 14.40 29.47 23.52
N LEU A 178 15.05 28.57 24.24
CA LEU A 178 16.25 27.89 23.72
C LEU A 178 16.02 26.45 23.19
N ILE A 179 14.75 26.05 23.05
CA ILE A 179 14.35 24.71 22.58
C ILE A 179 13.83 24.76 21.14
N LYS A 180 14.51 24.05 20.22
CA LYS A 180 14.14 24.05 18.80
C LYS A 180 13.23 22.91 18.31
N LYS A 181 13.33 21.74 18.94
CA LYS A 181 12.26 20.72 18.85
C LYS A 181 11.99 20.14 20.22
N ILE A 182 10.76 19.68 20.46
CA ILE A 182 10.41 18.97 21.67
C ILE A 182 10.02 17.56 21.27
N TYR A 183 10.78 16.58 21.73
CA TYR A 183 10.44 15.18 21.53
C TYR A 183 9.59 14.74 22.72
N PHE A 184 8.31 14.46 22.44
CA PHE A 184 7.31 14.36 23.50
C PHE A 184 6.62 12.99 23.42
N THR A 185 6.64 12.26 24.52
CA THR A 185 6.00 10.97 24.60
C THR A 185 4.70 11.17 25.34
N ARG A 186 3.59 10.78 24.69
CA ARG A 186 2.28 10.88 25.34
C ARG A 186 1.95 9.50 25.90
N ILE A 187 1.96 9.39 27.23
CA ILE A 187 1.62 8.16 27.91
C ILE A 187 0.13 8.26 28.17
N ASN A 188 -0.62 7.32 27.59
CA ASN A 188 -2.08 7.37 27.64
C ASN A 188 -2.71 6.68 28.84
N SER A 189 -2.29 7.09 30.04
CA SER A 189 -2.90 6.62 31.27
C SER A 189 -2.74 7.66 32.36
N THR A 190 -3.54 7.50 33.42
CA THR A 190 -3.65 8.50 34.46
C THR A 190 -2.87 8.10 35.73
N TYR A 191 -2.17 9.08 36.29
CA TYR A 191 -1.34 8.88 37.49
C TYR A 191 -1.39 10.09 38.42
N GLU A 192 -0.96 9.84 39.66
CA GLU A 192 -0.75 10.88 40.66
C GLU A 192 0.52 11.64 40.31
N CYS A 193 0.39 12.96 40.15
CA CYS A 193 1.53 13.80 39.83
C CYS A 193 1.59 15.07 40.68
N ASP A 194 2.80 15.47 41.05
CA ASP A 194 3.05 16.78 41.67
C ASP A 194 3.88 17.74 40.82
N VAL A 195 4.49 17.25 39.76
CA VAL A 195 5.20 18.15 38.83
C VAL A 195 4.72 18.00 37.39
N PHE A 196 4.67 19.12 36.69
CA PHE A 196 4.01 19.18 35.40
C PHE A 196 4.90 19.85 34.38
N PHE A 197 4.98 19.27 33.17
CA PHE A 197 5.59 19.94 32.00
C PHE A 197 4.81 21.23 31.70
N PRO A 198 5.51 22.31 31.28
CA PRO A 198 4.77 23.58 31.04
C PRO A 198 3.76 23.54 29.88
N GLU A 199 2.78 24.45 29.93
CA GLU A 199 1.81 24.71 28.87
C GLU A 199 2.57 25.20 27.61
N ILE A 200 2.55 24.40 26.54
CA ILE A 200 3.18 24.76 25.26
C ILE A 200 2.22 25.66 24.49
N ASN A 201 2.74 26.80 24.00
CA ASN A 201 1.93 27.74 23.24
C ASN A 201 1.91 27.44 21.74
N GLU A 202 0.69 27.29 21.23
CA GLU A 202 0.38 27.01 19.81
C GLU A 202 1.08 27.97 18.81
N ASN A 203 1.29 29.23 19.23
CA ASN A 203 2.02 30.21 18.41
C ASN A 203 3.53 29.98 18.34
N GLU A 204 4.11 29.43 19.41
CA GLU A 204 5.57 29.20 19.53
C GLU A 204 6.03 27.84 18.99
N TYR A 205 5.23 26.81 19.26
CA TYR A 205 5.49 25.45 18.75
C TYR A 205 4.26 24.77 18.19
N GLN A 206 4.47 24.02 17.10
CA GLN A 206 3.45 23.17 16.51
C GLN A 206 3.95 21.73 16.25
N ILE A 207 3.03 20.77 16.30
CA ILE A 207 3.29 19.38 15.97
C ILE A 207 3.62 19.22 14.48
N ILE A 208 4.74 18.54 14.21
CA ILE A 208 5.14 18.28 12.81
C ILE A 208 5.23 16.79 12.48
N SER A 209 5.27 15.94 13.49
CA SER A 209 5.29 14.50 13.30
C SER A 209 4.55 13.82 14.41
N VAL A 210 4.11 12.60 14.13
CA VAL A 210 3.23 11.83 14.99
C VAL A 210 3.54 10.38 14.66
N SER A 211 3.79 9.56 15.68
CA SER A 211 4.23 8.19 15.44
C SER A 211 3.11 7.16 15.51
N ASP A 212 3.45 5.90 15.21
CA ASP A 212 2.61 4.72 15.47
C ASP A 212 2.18 4.72 16.95
N VAL A 213 1.11 4.01 17.25
CA VAL A 213 0.64 3.81 18.62
C VAL A 213 1.12 2.43 19.04
N TYR A 214 1.47 2.28 20.30
CA TYR A 214 2.06 1.05 20.85
C TYR A 214 1.53 0.83 22.26
N THR A 215 1.75 -0.38 22.75
CA THR A 215 1.46 -0.79 24.11
C THR A 215 2.76 -1.22 24.80
N SER A 216 2.95 -0.68 25.99
CA SER A 216 4.06 -1.06 26.82
C SER A 216 3.56 -1.06 28.24
N ASN A 217 3.77 -2.16 28.96
CA ASN A 217 3.48 -2.22 30.39
C ASN A 217 2.04 -1.76 30.67
N ASN A 218 1.06 -2.35 29.98
CA ASN A 218 -0.37 -2.03 30.17
C ASN A 218 -0.81 -0.59 29.97
N THR A 219 -0.12 0.15 29.13
CA THR A 219 -0.62 1.45 28.65
C THR A 219 -0.34 1.65 27.17
N THR A 220 -1.22 2.32 26.47
CA THR A 220 -0.88 2.76 25.11
C THR A 220 -0.06 4.04 25.23
N LEU A 221 0.71 4.33 24.20
CA LEU A 221 1.56 5.51 24.14
C LEU A 221 1.91 5.80 22.68
N ASP A 222 2.24 7.06 22.41
CA ASP A 222 2.89 7.41 21.17
C ASP A 222 3.96 8.51 21.37
N PHE A 223 4.60 8.93 20.29
CA PHE A 223 5.73 9.86 20.31
C PHE A 223 5.41 10.96 19.30
N ILE A 224 5.38 12.20 19.74
CA ILE A 224 5.11 13.30 18.82
C ILE A 224 6.29 14.28 18.81
N ILE A 225 6.43 15.01 17.72
CA ILE A 225 7.46 16.04 17.62
C ILE A 225 6.85 17.43 17.38
N TYR A 226 7.12 18.34 18.32
CA TYR A 226 6.89 19.77 18.14
C TYR A 226 8.13 20.41 17.51
N LYS A 227 7.90 21.35 16.60
CA LYS A 227 8.94 22.15 15.98
C LYS A 227 8.71 23.59 16.38
N LYS A 228 9.79 24.36 16.44
CA LYS A 228 9.71 25.79 16.74
C LYS A 228 9.14 26.49 15.52
N THR A 229 8.15 27.34 15.77
CA THR A 229 7.61 28.24 14.74
C THR A 229 8.14 29.65 14.99
N ASN A 230 8.13 30.47 13.94
CA ASN A 230 8.62 31.86 14.04
C ASN A 230 7.53 32.92 14.29
N ASN A 231 7.97 34.08 14.82
CA ASN A 231 7.12 35.27 15.05
C ASN A 231 7.74 36.54 14.41
N ASP A 283 26.32 7.69 -4.34
CA ASP A 283 25.43 7.77 -5.54
C ASP A 283 24.22 8.70 -5.37
N ASP A 284 24.38 9.95 -5.80
CA ASP A 284 23.26 10.88 -5.97
C ASP A 284 22.70 10.84 -7.40
N GLU A 285 23.29 9.95 -8.20
CA GLU A 285 22.94 9.69 -9.61
C GLU A 285 21.47 9.29 -9.79
N GLU A 286 21.03 8.34 -8.96
CA GLU A 286 19.70 7.71 -9.05
C GLU A 286 18.49 8.66 -9.01
N GLU A 287 18.70 9.90 -8.57
CA GLU A 287 17.61 10.87 -8.42
C GLU A 287 17.14 11.47 -9.74
N ASP A 288 17.98 11.39 -10.76
CA ASP A 288 17.57 11.78 -12.11
C ASP A 288 16.64 10.71 -12.74
N ASP A 289 17.03 9.43 -12.58
CA ASP A 289 16.22 8.29 -13.02
C ASP A 289 14.78 8.33 -12.46
N PHE A 290 14.65 8.74 -11.20
CA PHE A 290 13.37 9.00 -10.56
C PHE A 290 12.51 10.04 -11.28
N VAL A 291 13.14 11.13 -11.73
CA VAL A 291 12.44 12.21 -12.44
C VAL A 291 12.07 11.75 -13.86
N TYR A 292 12.93 10.91 -14.45
CA TYR A 292 12.72 10.35 -15.79
C TYR A 292 11.51 9.38 -15.82
N PHE A 293 11.42 8.52 -14.81
CA PHE A 293 10.25 7.65 -14.65
C PHE A 293 8.99 8.46 -14.34
N ASN A 294 9.16 9.69 -13.88
CA ASN A 294 8.04 10.53 -13.50
C ASN A 294 7.54 11.47 -14.57
N PHE A 295 8.08 11.32 -15.78
CA PHE A 295 7.71 12.11 -16.98
C PHE A 295 6.21 12.22 -17.28
N ASN A 296 5.47 11.15 -17.01
CA ASN A 296 4.05 11.05 -17.35
C ASN A 296 3.10 11.32 -16.16
N LYS A 297 3.48 12.30 -15.33
CA LYS A 297 2.66 12.69 -14.17
C LYS A 297 1.99 14.03 -14.46
N GLU A 298 0.65 13.99 -14.51
CA GLU A 298 -0.22 15.16 -14.80
C GLU A 298 0.07 16.42 -13.95
N LYS A 299 -0.41 17.58 -14.41
CA LYS A 299 -0.29 18.82 -13.63
C LYS A 299 -1.24 18.89 -12.42
N GLU A 300 -2.53 18.63 -12.64
CA GLU A 300 -3.61 18.91 -11.67
C GLU A 300 -4.27 17.66 -11.04
N GLU A 301 -5.31 17.91 -10.23
CA GLU A 301 -6.12 16.87 -9.59
C GLU A 301 -7.58 17.06 -10.05
N LYS A 302 -8.41 16.01 -9.87
CA LYS A 302 -9.87 15.98 -10.25
C LYS A 302 -10.66 17.27 -9.90
N ASN A 303 -10.67 17.62 -8.63
CA ASN A 303 -11.27 18.87 -8.15
C ASN A 303 -10.22 19.61 -7.35
N LYS A 304 -9.63 20.63 -7.98
CA LYS A 304 -8.51 21.36 -7.41
C LYS A 304 -8.78 22.87 -7.22
N ASN A 305 -10.06 23.27 -7.28
CA ASN A 305 -10.48 24.63 -6.85
C ASN A 305 -11.62 24.69 -5.79
N SER A 306 -12.51 23.70 -5.76
CA SER A 306 -13.47 23.50 -4.65
C SER A 306 -12.79 22.89 -3.43
N ILE A 307 -11.62 22.29 -3.66
CA ILE A 307 -10.63 21.99 -2.63
C ILE A 307 -9.54 23.09 -2.66
N HIS A 308 -9.68 24.04 -1.73
CA HIS A 308 -8.73 25.17 -1.53
C HIS A 308 -7.34 24.68 -1.09
N PRO A 309 -6.28 25.54 -1.20
CA PRO A 309 -4.97 25.06 -0.74
C PRO A 309 -4.97 24.87 0.78
N ASN A 310 -5.65 25.79 1.47
CA ASN A 310 -5.69 25.87 2.93
C ASN A 310 -6.83 25.10 3.58
N ASP A 311 -7.52 24.26 2.81
CA ASP A 311 -8.54 23.38 3.37
C ASP A 311 -7.89 22.34 4.27
N PHE A 312 -6.66 21.96 3.93
CA PHE A 312 -5.93 20.88 4.61
C PHE A 312 -4.55 21.29 5.13
N GLN A 313 -4.38 22.57 5.45
CA GLN A 313 -3.05 23.12 5.75
C GLN A 313 -2.38 22.43 6.93
N ILE A 314 -3.10 22.32 8.05
CA ILE A 314 -2.62 21.51 9.20
C ILE A 314 -2.34 20.05 8.79
N TYR A 315 -3.29 19.41 8.11
CA TYR A 315 -3.09 18.03 7.65
C TYR A 315 -1.79 17.91 6.84
N ASN A 316 -1.59 18.79 5.87
CA ASN A 316 -0.38 18.82 5.03
C ASN A 316 0.89 19.40 5.68
N SER A 317 0.75 19.98 6.87
CA SER A 317 1.90 20.59 7.57
C SER A 317 2.79 19.54 8.26
N LEU A 318 2.30 18.31 8.31
CA LEU A 318 2.96 17.27 9.05
C LEU A 318 3.94 16.54 8.16
N LYS A 319 5.12 16.25 8.69
CA LYS A 319 6.11 15.48 7.96
C LYS A 319 5.82 13.98 8.13
N TYR A 320 5.75 13.48 9.36
CA TYR A 320 5.51 12.04 9.56
C TYR A 320 4.17 11.74 10.21
N LYS A 321 3.33 10.97 9.51
CA LYS A 321 1.98 10.67 9.98
C LYS A 321 1.83 9.17 10.13
N TYR A 322 2.53 8.59 11.10
CA TYR A 322 2.52 7.13 11.25
C TYR A 322 1.41 6.62 12.15
N HIS A 323 0.68 7.55 12.78
CA HIS A 323 -0.41 7.16 13.66
C HIS A 323 -1.42 6.31 12.87
N PRO A 324 -1.84 5.13 13.38
CA PRO A 324 -2.68 4.28 12.48
C PRO A 324 -4.05 4.90 12.10
N GLU A 325 -4.50 5.91 12.84
CA GLU A 325 -5.69 6.70 12.47
C GLU A 325 -5.56 7.38 11.09
N TYR A 326 -4.33 7.60 10.63
CA TYR A 326 -4.10 8.12 9.28
C TYR A 326 -4.42 7.12 8.17
N GLN A 327 -4.56 5.84 8.49
CA GLN A 327 -5.06 4.93 7.44
C GLN A 327 -6.47 5.31 7.00
N TYR A 328 -7.26 5.81 7.96
CA TYR A 328 -8.59 6.26 7.69
C TYR A 328 -8.58 7.66 7.10
N LEU A 329 -7.93 8.63 7.77
CA LEU A 329 -7.89 10.01 7.25
C LEU A 329 -7.18 10.15 5.90
N ASN A 330 -6.13 9.39 5.65
CA ASN A 330 -5.55 9.35 4.28
C ASN A 330 -6.50 8.87 3.18
N ILE A 331 -7.44 8.00 3.53
CA ILE A 331 -8.44 7.54 2.54
C ILE A 331 -9.41 8.66 2.15
N ILE A 332 -10.02 9.31 3.15
CA ILE A 332 -10.85 10.50 2.96
C ILE A 332 -10.11 11.51 2.11
N TYR A 333 -8.87 11.78 2.49
CA TYR A 333 -8.08 12.72 1.74
C TYR A 333 -7.96 12.29 0.29
N ASP A 334 -7.67 11.02 0.06
CA ASP A 334 -7.49 10.54 -1.33
C ASP A 334 -8.78 10.69 -2.15
N ILE A 335 -9.93 10.52 -1.48
CA ILE A 335 -11.24 10.66 -2.12
C ILE A 335 -11.60 12.15 -2.37
N MET A 336 -11.37 13.00 -1.37
CA MET A 336 -11.55 14.45 -1.56
C MET A 336 -10.72 15.10 -2.69
N MET A 337 -9.51 14.59 -2.93
CA MET A 337 -8.65 15.12 -3.97
C MET A 337 -8.79 14.42 -5.31
N ASN A 338 -8.91 13.09 -5.30
CA ASN A 338 -8.93 12.31 -6.56
C ASN A 338 -10.20 11.53 -6.82
N GLY A 339 -11.19 11.69 -5.94
CA GLY A 339 -12.42 10.89 -5.99
C GLY A 339 -13.26 11.13 -7.22
N ASN A 340 -14.28 10.32 -7.44
CA ASN A 340 -15.15 10.51 -8.58
C ASN A 340 -16.49 11.09 -8.22
N LYS A 341 -16.90 12.12 -8.96
CA LYS A 341 -18.23 12.74 -8.77
C LYS A 341 -19.32 11.82 -9.32
N GLN A 342 -20.15 11.32 -8.41
CA GLN A 342 -21.22 10.39 -8.75
C GLN A 342 -22.48 10.56 -7.95
N SER A 343 -23.59 10.17 -8.55
CA SER A 343 -24.87 10.03 -7.87
C SER A 343 -24.85 8.73 -7.10
N ASP A 344 -25.83 8.53 -6.22
CA ASP A 344 -25.98 7.26 -5.54
C ASP A 344 -27.47 6.98 -5.34
N ARG A 345 -27.81 5.84 -4.73
CA ARG A 345 -29.20 5.46 -4.48
C ARG A 345 -30.00 6.58 -3.77
N THR A 346 -29.38 7.33 -2.86
CA THR A 346 -30.05 8.57 -2.44
C THR A 346 -29.70 9.73 -3.35
N GLY A 347 -30.40 10.84 -3.18
CA GLY A 347 -30.13 12.01 -4.01
C GLY A 347 -28.91 12.83 -3.65
N VAL A 348 -28.22 12.48 -2.55
CA VAL A 348 -27.19 13.33 -1.93
C VAL A 348 -25.95 13.48 -2.81
N GLY A 349 -25.54 12.38 -3.44
CA GLY A 349 -24.31 12.37 -4.22
C GLY A 349 -23.07 12.12 -3.39
N VAL A 350 -22.03 11.64 -4.05
CA VAL A 350 -20.80 11.20 -3.39
C VAL A 350 -19.58 11.57 -4.19
N LEU A 351 -18.45 11.69 -3.48
CA LEU A 351 -17.13 11.43 -4.08
C LEU A 351 -16.78 9.96 -3.76
N SER A 352 -16.38 9.19 -4.76
CA SER A 352 -16.12 7.75 -4.58
C SER A 352 -14.83 7.28 -5.23
N LYS A 353 -14.19 6.28 -4.59
CA LYS A 353 -13.12 5.46 -5.20
C LYS A 353 -13.40 3.97 -4.93
N PHE A 354 -12.59 3.09 -5.51
CA PHE A 354 -12.86 1.64 -5.51
C PHE A 354 -11.65 0.86 -4.99
N GLY A 355 -11.80 0.22 -3.84
CA GLY A 355 -10.77 -0.67 -3.33
C GLY A 355 -9.63 -0.07 -2.51
N TYR A 356 -9.73 -0.26 -1.20
CA TYR A 356 -8.68 0.12 -0.28
C TYR A 356 -8.57 -0.98 0.75
N ILE A 357 -7.46 -0.96 1.48
CA ILE A 357 -7.23 -1.83 2.60
C ILE A 357 -6.66 -1.03 3.83
N MET A 358 -7.17 -1.32 5.03
CA MET A 358 -6.61 -0.76 6.27
C MET A 358 -6.25 -1.90 7.20
N LYS A 359 -5.17 -1.75 7.97
CA LYS A 359 -4.68 -2.79 8.89
C LYS A 359 -4.49 -2.18 10.26
N PHE A 360 -5.13 -2.77 11.26
CA PHE A 360 -5.04 -2.28 12.61
C PHE A 360 -4.50 -3.37 13.54
N ASP A 361 -3.46 -3.05 14.30
CA ASP A 361 -2.84 -4.00 15.19
C ASP A 361 -3.55 -3.98 16.55
N LEU A 362 -4.49 -4.89 16.72
CA LEU A 362 -5.28 -5.03 17.93
C LEU A 362 -4.46 -5.42 19.18
N SER A 363 -3.24 -5.90 18.95
CA SER A 363 -2.34 -6.22 20.07
C SER A 363 -1.74 -4.93 20.68
N GLN A 364 -1.74 -3.84 19.93
CA GLN A 364 -1.10 -2.60 20.36
C GLN A 364 -2.08 -1.50 20.80
N TYR A 365 -3.34 -1.58 20.34
CA TYR A 365 -4.32 -0.51 20.56
C TYR A 365 -5.70 -0.99 20.11
N PHE A 366 -6.71 -0.24 20.53
CA PHE A 366 -8.06 -0.33 19.97
C PHE A 366 -8.31 0.88 19.06
N PRO A 367 -8.50 0.65 17.75
CA PRO A 367 -8.54 1.75 16.77
C PRO A 367 -9.88 2.50 16.78
N LEU A 368 -10.19 3.11 17.92
CA LEU A 368 -11.34 3.95 18.03
C LEU A 368 -10.92 5.37 17.64
N LEU A 369 -11.46 5.87 16.53
CA LEU A 369 -11.12 7.21 16.04
C LEU A 369 -11.12 8.28 17.12
N THR A 370 -10.02 9.03 17.17
CA THR A 370 -9.82 10.03 18.21
C THR A 370 -10.07 11.42 17.67
N THR A 371 -10.15 11.55 16.33
CA THR A 371 -10.30 12.89 15.75
C THR A 371 -11.73 13.45 15.86
N LYS A 372 -12.63 12.64 16.43
CA LYS A 372 -13.97 13.03 16.84
C LYS A 372 -14.49 12.06 17.91
N LYS A 373 -15.61 12.40 18.55
CA LYS A 373 -16.16 11.53 19.61
C LYS A 373 -17.10 10.41 19.10
N LEU A 374 -16.77 9.17 19.48
CA LEU A 374 -17.59 7.97 19.19
C LEU A 374 -17.94 7.22 20.47
N PHE A 375 -19.13 6.61 20.52
CA PHE A 375 -19.61 5.82 21.68
C PHE A 375 -19.84 4.43 21.18
N LEU A 376 -19.59 3.43 22.02
CA LEU A 376 -19.72 2.02 21.61
C LEU A 376 -20.93 1.20 22.11
N ARG A 377 -21.71 1.75 23.04
CA ARG A 377 -22.81 1.01 23.62
C ARG A 377 -23.78 0.51 22.53
N GLY A 378 -24.12 1.38 21.59
CA GLY A 378 -25.01 1.05 20.48
C GLY A 378 -24.52 -0.10 19.63
N ILE A 379 -23.29 0.00 19.12
CA ILE A 379 -22.73 -1.02 18.25
C ILE A 379 -22.40 -2.34 18.96
N ILE A 380 -22.18 -2.31 20.26
CA ILE A 380 -21.94 -3.55 21.04
C ILE A 380 -23.27 -4.32 21.18
N GLU A 381 -24.34 -3.57 21.49
CA GLU A 381 -25.68 -4.16 21.51
C GLU A 381 -26.02 -4.79 20.15
N GLU A 382 -25.83 -4.03 19.07
CA GLU A 382 -26.02 -4.53 17.70
C GLU A 382 -25.32 -5.88 17.52
N LEU A 383 -24.02 -5.88 17.78
CA LEU A 383 -23.21 -7.08 17.74
C LEU A 383 -23.79 -8.22 18.58
N LEU A 384 -24.24 -7.92 19.80
CA LEU A 384 -24.81 -8.94 20.68
C LEU A 384 -26.13 -9.45 20.11
N TRP A 385 -26.91 -8.52 19.56
CA TRP A 385 -28.13 -8.82 18.83
C TRP A 385 -27.85 -9.73 17.59
N PHE A 386 -26.83 -9.41 16.77
CA PHE A 386 -26.43 -10.33 15.67
C PHE A 386 -26.16 -11.74 16.17
N ILE A 387 -25.34 -11.84 17.21
CA ILE A 387 -24.86 -13.13 17.72
C ILE A 387 -26.04 -13.98 18.19
N ARG A 388 -27.10 -13.33 18.65
CA ARG A 388 -28.29 -14.05 19.11
C ARG A 388 -29.19 -14.48 17.96
N GLY A 389 -28.85 -14.07 16.73
CA GLY A 389 -29.61 -14.41 15.52
C GLY A 389 -30.93 -13.65 15.33
N GLU A 390 -31.05 -12.52 16.03
CA GLU A 390 -32.27 -11.78 16.09
C GLU A 390 -32.45 -10.95 14.88
N THR A 391 -33.69 -10.78 14.48
CA THR A 391 -34.02 -9.89 13.35
C THR A 391 -35.10 -8.91 13.79
N ASN A 392 -35.33 -8.90 15.10
CA ASN A 392 -36.33 -8.05 15.71
C ASN A 392 -35.76 -6.66 16.15
N GLY A 393 -36.06 -5.65 15.32
CA GLY A 393 -35.77 -4.24 15.61
C GLY A 393 -36.21 -3.76 16.98
N ASN A 394 -37.33 -4.28 17.51
CA ASN A 394 -37.78 -3.84 18.85
C ASN A 394 -36.79 -4.09 20.01
N THR A 395 -35.98 -5.13 19.91
CA THR A 395 -34.96 -5.43 20.93
C THR A 395 -33.98 -4.25 21.07
N LEU A 396 -33.44 -3.75 19.96
CA LEU A 396 -32.50 -2.66 20.06
C LEU A 396 -33.13 -1.33 20.49
N LEU A 397 -34.41 -1.14 20.20
CA LEU A 397 -35.12 0.09 20.62
C LEU A 397 -35.45 0.11 22.12
N ASN A 398 -35.77 -1.05 22.68
CA ASN A 398 -35.92 -1.19 24.15
C ASN A 398 -34.63 -0.98 25.00
N LYS A 399 -33.47 -0.88 24.32
CA LYS A 399 -32.19 -0.54 24.95
C LYS A 399 -31.74 0.86 24.51
N ASN A 400 -32.69 1.57 23.90
CA ASN A 400 -32.47 2.91 23.36
C ASN A 400 -31.33 2.99 22.31
N VAL A 401 -31.26 1.97 21.45
CA VAL A 401 -30.30 1.94 20.34
C VAL A 401 -31.12 2.07 19.07
N ARG A 402 -30.82 3.08 18.26
CA ARG A 402 -31.67 3.45 17.12
C ARG A 402 -31.01 3.25 15.77
N ILE A 403 -29.98 2.39 15.72
CA ILE A 403 -29.19 2.13 14.50
C ILE A 403 -30.05 1.62 13.34
N TRP A 404 -31.05 0.81 13.68
CA TRP A 404 -31.88 0.15 12.68
C TRP A 404 -33.30 0.74 12.58
N GLU A 405 -33.53 1.85 13.28
CA GLU A 405 -34.84 2.47 13.38
C GLU A 405 -35.37 2.95 12.03
N ALA A 406 -34.61 3.74 11.29
CA ALA A 406 -35.01 4.18 9.94
C ALA A 406 -35.43 3.01 9.03
N ASN A 407 -34.65 1.93 9.03
CA ASN A 407 -34.88 0.75 8.18
C ASN A 407 -36.07 -0.16 8.57
N GLY A 408 -36.66 0.08 9.73
CA GLY A 408 -37.73 -0.77 10.25
C GLY A 408 -39.12 -0.16 10.21
N THR A 409 -39.21 1.07 9.69
CA THR A 409 -40.46 1.82 9.64
C THR A 409 -41.39 1.32 8.52
N ARG A 410 -42.70 1.54 8.72
CA ARG A 410 -43.76 1.14 7.76
C ARG A 410 -43.49 1.68 6.36
N GLU A 411 -43.23 2.98 6.26
CA GLU A 411 -42.89 3.66 5.01
C GLU A 411 -41.66 3.01 4.37
N PHE A 412 -40.60 2.77 5.16
CA PHE A 412 -39.38 2.14 4.64
C PHE A 412 -39.63 0.73 4.14
N LEU A 413 -40.35 -0.05 4.93
CA LEU A 413 -40.67 -1.41 4.53
C LEU A 413 -41.53 -1.47 3.29
N ASP A 414 -42.52 -0.57 3.17
CA ASP A 414 -43.39 -0.53 1.97
C ASP A 414 -42.58 -0.17 0.73
N ASN A 415 -41.67 0.79 0.87
CA ASN A 415 -40.81 1.20 -0.24
C ASN A 415 -39.85 0.11 -0.70
N ARG A 416 -39.65 -0.89 0.16
CA ARG A 416 -38.95 -2.12 -0.23
C ARG A 416 -39.86 -3.23 -0.74
N LYS A 417 -41.17 -2.97 -0.80
CA LYS A 417 -42.21 -3.93 -1.28
C LYS A 417 -42.40 -5.11 -0.32
N LEU A 418 -42.28 -4.81 0.96
CA LEU A 418 -42.45 -5.78 2.05
C LEU A 418 -43.71 -5.35 2.80
N PHE A 419 -44.83 -5.42 2.10
CA PHE A 419 -46.12 -4.92 2.59
C PHE A 419 -46.66 -5.77 3.73
N HIS A 420 -46.29 -7.05 3.71
CA HIS A 420 -46.72 -8.06 4.71
C HIS A 420 -45.73 -8.26 5.84
N ARG A 421 -44.87 -7.28 6.03
CA ARG A 421 -43.87 -7.29 7.07
C ARG A 421 -44.28 -6.31 8.19
N GLU A 422 -44.30 -6.82 9.42
CA GLU A 422 -44.57 -6.03 10.62
C GLU A 422 -43.46 -4.96 10.83
N VAL A 423 -43.83 -3.77 11.27
CA VAL A 423 -42.83 -2.73 11.62
C VAL A 423 -41.73 -3.34 12.52
N ASN A 424 -40.49 -3.00 12.16
CA ASN A 424 -39.26 -3.43 12.81
C ASN A 424 -38.93 -4.93 12.61
N ASP A 425 -39.65 -5.63 11.73
CA ASP A 425 -39.24 -6.98 11.34
C ASP A 425 -38.31 -6.82 10.14
N LEU A 426 -37.02 -6.89 10.39
CA LEU A 426 -36.02 -6.51 9.41
C LEU A 426 -35.76 -7.60 8.40
N GLY A 427 -36.36 -8.78 8.61
CA GLY A 427 -36.17 -9.92 7.68
C GLY A 427 -34.84 -10.62 7.86
N PRO A 428 -34.45 -11.47 6.89
CA PRO A 428 -33.29 -12.37 7.07
C PRO A 428 -31.92 -11.68 6.98
N ILE A 429 -31.70 -10.68 7.82
CA ILE A 429 -30.43 -9.90 7.89
C ILE A 429 -29.25 -10.62 8.61
N TYR A 430 -28.17 -9.89 8.90
CA TYR A 430 -26.92 -10.45 9.49
C TYR A 430 -27.15 -11.60 10.47
N GLY A 431 -27.83 -11.31 11.56
CA GLY A 431 -28.10 -12.30 12.60
C GLY A 431 -28.62 -13.62 12.10
N PHE A 432 -29.72 -13.54 11.34
CA PHE A 432 -30.35 -14.70 10.72
C PHE A 432 -29.35 -15.47 9.91
N GLN A 433 -28.50 -14.77 9.14
CA GLN A 433 -27.53 -15.44 8.23
C GLN A 433 -26.38 -16.05 8.99
N TRP A 434 -26.00 -15.41 10.09
CA TRP A 434 -24.92 -15.95 10.92
C TRP A 434 -25.35 -17.28 11.58
N ARG A 435 -26.62 -17.40 11.96
CA ARG A 435 -27.07 -18.60 12.66
C ARG A 435 -28.00 -19.56 11.90
N HIS A 436 -28.52 -19.15 10.73
CA HIS A 436 -29.57 -19.93 10.01
C HIS A 436 -29.56 -19.77 8.49
N PHE A 437 -28.34 -19.65 7.92
CA PHE A 437 -28.18 -19.54 6.46
C PHE A 437 -28.87 -20.69 5.77
N GLY A 438 -29.77 -20.37 4.83
CA GLY A 438 -30.51 -21.35 4.10
C GLY A 438 -31.93 -21.57 4.59
N ALA A 439 -32.22 -21.30 5.86
CA ALA A 439 -33.58 -21.48 6.36
C ALA A 439 -34.59 -20.52 5.72
N GLU A 440 -35.86 -20.89 5.80
CA GLU A 440 -36.92 -20.06 5.25
C GLU A 440 -37.29 -19.07 6.30
N TYR A 441 -37.09 -17.80 5.98
CA TYR A 441 -37.54 -16.77 6.88
C TYR A 441 -39.06 -16.74 6.86
N THR A 442 -39.66 -16.70 8.04
CA THR A 442 -41.09 -16.49 8.22
C THR A 442 -41.38 -15.09 8.84
N ASN A 443 -41.21 -14.96 10.16
CA ASN A 443 -41.32 -13.68 10.86
C ASN A 443 -40.30 -13.61 11.98
N MET A 444 -40.08 -12.42 12.54
CA MET A 444 -39.06 -12.22 13.61
C MET A 444 -39.29 -13.01 14.93
N TYR A 445 -40.53 -13.46 15.15
CA TYR A 445 -40.88 -14.19 16.37
C TYR A 445 -40.71 -15.69 16.25
N ASP A 446 -40.48 -16.21 15.04
CA ASP A 446 -40.41 -17.66 14.85
C ASP A 446 -39.22 -18.32 15.57
N ASN A 447 -39.34 -19.62 15.80
CA ASN A 447 -38.29 -20.43 16.39
C ASN A 447 -37.52 -21.05 15.25
N TYR A 448 -36.25 -20.71 15.16
CA TYR A 448 -35.44 -21.15 14.04
C TYR A 448 -34.39 -22.21 14.42
N GLU A 449 -34.49 -22.75 15.64
CA GLU A 449 -33.51 -23.72 16.17
C GLU A 449 -33.20 -24.86 15.22
N ASN A 450 -31.91 -25.02 14.96
CA ASN A 450 -31.39 -26.07 14.10
C ASN A 450 -31.88 -26.01 12.65
N LYS A 451 -32.44 -24.87 12.25
CA LYS A 451 -32.77 -24.61 10.85
C LYS A 451 -31.66 -23.76 10.22
N GLY A 452 -31.22 -24.16 9.02
CA GLY A 452 -30.15 -23.48 8.33
C GLY A 452 -28.77 -23.83 8.85
N VAL A 453 -27.78 -23.18 8.30
CA VAL A 453 -26.40 -23.44 8.68
C VAL A 453 -25.99 -22.43 9.74
N ASP A 454 -25.54 -22.92 10.90
CA ASP A 454 -25.07 -22.01 11.96
C ASP A 454 -23.59 -21.70 11.65
N GLN A 455 -23.39 -20.66 10.86
CA GLN A 455 -22.07 -20.25 10.42
C GLN A 455 -21.17 -19.93 11.57
N LEU A 456 -21.76 -19.29 12.58
CA LEU A 456 -21.01 -18.80 13.74
C LEU A 456 -20.39 -19.94 14.54
N LYS A 457 -21.19 -20.97 14.86
CA LYS A 457 -20.66 -22.18 15.53
C LYS A 457 -19.61 -22.85 14.67
N ASN A 458 -19.84 -22.91 13.35
CA ASN A 458 -18.89 -23.53 12.41
C ASN A 458 -17.50 -22.86 12.43
N ILE A 459 -17.48 -21.51 12.38
CA ILE A 459 -16.19 -20.81 12.35
C ILE A 459 -15.47 -20.90 13.70
N ILE A 460 -16.25 -20.90 14.79
CA ILE A 460 -15.70 -21.09 16.12
C ILE A 460 -15.10 -22.48 16.21
N ASN A 461 -15.78 -23.47 15.63
CA ASN A 461 -15.29 -24.85 15.61
C ASN A 461 -14.03 -25.06 14.79
N LEU A 462 -13.96 -24.39 13.64
CA LEU A 462 -12.78 -24.41 12.76
C LEU A 462 -11.57 -23.67 13.33
N ILE A 463 -11.81 -22.60 14.08
CA ILE A 463 -10.75 -21.88 14.70
C ILE A 463 -10.13 -22.78 15.79
N LYS A 464 -10.96 -23.51 16.54
CA LYS A 464 -10.46 -24.34 17.66
C LYS A 464 -9.75 -25.63 17.19
N ASN A 465 -10.25 -26.26 16.11
CA ASN A 465 -9.85 -27.66 15.79
C ASN A 465 -9.23 -27.83 14.42
N ASP A 466 -9.28 -26.77 13.62
CA ASP A 466 -8.61 -26.78 12.34
C ASP A 466 -8.02 -25.38 12.04
N PRO A 467 -7.21 -24.83 12.96
CA PRO A 467 -6.78 -23.43 12.79
C PRO A 467 -6.04 -23.07 11.48
N THR A 468 -5.54 -24.06 10.75
CA THR A 468 -4.76 -23.80 9.51
C THR A 468 -5.64 -23.88 8.29
N SER A 469 -6.95 -23.97 8.55
CA SER A 469 -8.00 -23.97 7.55
C SER A 469 -8.04 -22.63 6.82
N ARG A 470 -8.26 -22.71 5.53
CA ARG A 470 -8.41 -21.52 4.69
C ARG A 470 -9.89 -21.29 4.31
N ARG A 471 -10.79 -21.92 5.06
CA ARG A 471 -12.21 -21.89 4.79
C ARG A 471 -12.93 -21.29 5.97
N ILE A 472 -12.19 -20.59 6.83
CA ILE A 472 -12.81 -20.02 8.03
C ILE A 472 -13.41 -18.67 7.64
N LEU A 473 -14.68 -18.70 7.25
CA LEU A 473 -15.36 -17.54 6.65
C LEU A 473 -16.81 -17.41 7.07
N LEU A 474 -17.21 -16.23 7.42
CA LEU A 474 -18.59 -15.97 7.80
C LEU A 474 -19.16 -15.00 6.76
N CYS A 475 -20.19 -15.44 6.01
CA CYS A 475 -20.83 -14.67 4.89
C CYS A 475 -22.27 -14.22 5.17
N ALA A 476 -22.51 -12.92 5.00
CA ALA A 476 -23.82 -12.32 5.26
C ALA A 476 -24.59 -12.14 3.96
N TRP A 477 -23.88 -12.14 2.83
CA TRP A 477 -24.51 -11.93 1.52
C TRP A 477 -25.19 -13.17 0.93
N ASN A 478 -26.38 -13.46 1.44
CA ASN A 478 -27.23 -14.53 0.97
C ASN A 478 -28.05 -14.03 -0.19
N VAL A 479 -27.63 -14.44 -1.40
CA VAL A 479 -28.18 -13.90 -2.65
C VAL A 479 -29.69 -14.16 -2.72
N LYS A 480 -30.08 -15.39 -2.38
CA LYS A 480 -31.47 -15.80 -2.29
C LYS A 480 -32.37 -14.84 -1.45
N ASP A 481 -31.81 -14.27 -0.38
CA ASP A 481 -32.58 -13.53 0.61
C ASP A 481 -32.54 -12.01 0.47
N LEU A 482 -31.64 -11.46 -0.36
CA LEU A 482 -31.42 -9.99 -0.38
C LEU A 482 -32.70 -9.17 -0.37
N ASP A 483 -33.62 -9.53 -1.26
CA ASP A 483 -34.88 -8.83 -1.46
C ASP A 483 -35.81 -8.85 -0.24
N GLN A 484 -35.65 -9.84 0.63
CA GLN A 484 -36.46 -9.95 1.85
C GLN A 484 -35.89 -9.20 3.02
N MET A 485 -34.58 -8.97 3.02
CA MET A 485 -33.91 -8.15 4.03
C MET A 485 -34.43 -6.74 3.89
N ALA A 486 -34.53 -6.03 5.02
CA ALA A 486 -34.91 -4.61 4.99
C ALA A 486 -33.98 -3.78 4.12
N LEU A 487 -32.70 -4.13 4.09
CA LEU A 487 -31.74 -3.68 3.09
C LEU A 487 -30.55 -4.64 3.00
N PRO A 488 -29.97 -4.83 1.79
CA PRO A 488 -28.78 -5.70 1.61
C PRO A 488 -27.61 -5.37 2.58
N PRO A 489 -26.82 -6.39 3.00
CA PRO A 489 -25.72 -6.12 3.94
C PRO A 489 -24.55 -5.32 3.36
N CYS A 490 -24.00 -4.45 4.20
CA CYS A 490 -22.73 -3.79 3.90
C CYS A 490 -21.51 -4.63 4.20
N HIS A 491 -21.51 -5.32 5.34
CA HIS A 491 -20.37 -6.14 5.74
C HIS A 491 -20.57 -7.52 5.21
N ILE A 492 -19.96 -7.74 4.05
CA ILE A 492 -20.25 -8.90 3.21
C ILE A 492 -19.78 -10.19 3.89
N LEU A 493 -18.54 -10.17 4.36
CA LEU A 493 -17.90 -11.36 4.83
C LEU A 493 -16.80 -10.97 5.80
N CYS A 494 -16.46 -11.94 6.62
CA CYS A 494 -15.23 -11.81 7.31
C CYS A 494 -14.55 -13.17 7.40
N GLN A 495 -13.25 -13.14 7.09
CA GLN A 495 -12.40 -14.33 7.03
C GLN A 495 -11.37 -14.28 8.16
N PHE A 496 -11.17 -15.42 8.82
CA PHE A 496 -10.26 -15.51 9.94
C PHE A 496 -8.99 -16.26 9.58
N TYR A 497 -7.97 -16.03 10.39
CA TYR A 497 -6.62 -16.56 10.18
C TYR A 497 -5.96 -16.78 11.55
N VAL A 498 -5.41 -17.97 11.75
CA VAL A 498 -4.79 -18.36 13.00
C VAL A 498 -3.33 -18.77 12.81
N PHE A 499 -2.45 -18.14 13.58
CA PHE A 499 -1.02 -18.50 13.60
C PHE A 499 -0.42 -18.14 14.94
N ASP A 500 0.36 -19.09 15.49
CA ASP A 500 1.14 -18.90 16.72
C ASP A 500 0.28 -18.39 17.89
N GLY A 501 -0.94 -18.91 17.99
CA GLY A 501 -1.86 -18.52 19.05
C GLY A 501 -2.50 -17.15 18.85
N LYS A 502 -2.40 -16.60 17.63
CA LYS A 502 -3.00 -15.31 17.29
C LYS A 502 -4.09 -15.38 16.21
N LEU A 503 -5.15 -14.62 16.43
CA LEU A 503 -6.24 -14.52 15.47
C LEU A 503 -6.20 -13.17 14.73
N SER A 504 -6.20 -13.26 13.39
CA SER A 504 -6.44 -12.11 12.52
C SER A 504 -7.80 -12.24 11.79
N CYS A 505 -8.34 -11.09 11.39
CA CYS A 505 -9.68 -11.03 10.75
C CYS A 505 -9.69 -10.08 9.59
N ILE A 506 -10.11 -10.56 8.40
CA ILE A 506 -10.43 -9.68 7.26
C ILE A 506 -11.96 -9.50 7.15
N MET A 507 -12.41 -8.24 7.16
CA MET A 507 -13.77 -7.94 6.80
C MET A 507 -13.82 -7.24 5.45
N TYR A 508 -14.68 -7.71 4.55
CA TYR A 508 -14.87 -7.09 3.24
C TYR A 508 -16.15 -6.22 3.25
N GLN A 509 -16.04 -4.92 3.05
CA GLN A 509 -17.21 -4.02 3.07
C GLN A 509 -17.46 -3.47 1.66
N ARG A 510 -18.64 -3.78 1.11
CA ARG A 510 -19.00 -3.48 -0.28
C ARG A 510 -19.33 -2.00 -0.46
N SER A 511 -19.74 -1.40 0.63
CA SER A 511 -20.26 -0.06 0.55
C SER A 511 -19.92 0.67 1.81
N CYS A 512 -19.12 1.73 1.67
CA CYS A 512 -18.46 2.35 2.83
C CYS A 512 -18.69 3.84 2.93
N ASP A 513 -19.59 4.21 3.82
CA ASP A 513 -19.85 5.60 4.12
C ASP A 513 -18.72 6.06 5.07
N LEU A 514 -17.74 6.72 4.46
CA LEU A 514 -16.54 7.13 5.19
C LEU A 514 -16.80 8.15 6.28
N GLY A 515 -17.66 9.12 5.99
CA GLY A 515 -18.03 10.14 6.98
C GLY A 515 -18.63 9.57 8.24
N LEU A 516 -19.56 8.62 8.11
CA LEU A 516 -20.37 8.17 9.26
C LEU A 516 -20.35 6.69 9.61
N GLY A 517 -20.37 5.84 8.58
CA GLY A 517 -20.36 4.38 8.75
C GLY A 517 -19.01 3.74 9.08
N VAL A 518 -17.95 4.05 8.31
CA VAL A 518 -16.64 3.39 8.52
C VAL A 518 -16.09 3.45 9.98
N PRO A 519 -16.20 4.63 10.70
CA PRO A 519 -15.64 4.70 12.07
C PRO A 519 -16.22 3.65 13.01
N PHE A 520 -17.53 3.46 12.95
CA PHE A 520 -18.20 2.47 13.80
C PHE A 520 -17.88 1.08 13.35
N ASN A 521 -17.82 0.88 12.02
CA ASN A 521 -17.55 -0.43 11.43
C ASN A 521 -16.20 -1.01 11.84
N ILE A 522 -15.15 -0.15 11.91
CA ILE A 522 -13.82 -0.48 12.40
C ILE A 522 -13.96 -0.92 13.86
N ALA A 523 -14.73 -0.18 14.64
CA ALA A 523 -14.92 -0.54 16.01
C ALA A 523 -15.63 -1.90 16.16
N SER A 524 -16.80 -2.06 15.51
CA SER A 524 -17.60 -3.30 15.59
C SER A 524 -16.77 -4.53 15.36
N TYR A 525 -16.03 -4.50 14.26
CA TYR A 525 -15.26 -5.65 13.83
C TYR A 525 -13.94 -5.89 14.57
N SER A 526 -13.39 -4.83 15.17
CA SER A 526 -12.29 -4.96 16.16
C SER A 526 -12.79 -5.63 17.44
N ILE A 527 -13.91 -5.14 18.00
CA ILE A 527 -14.59 -5.78 19.12
C ILE A 527 -14.89 -7.24 18.78
N PHE A 528 -15.47 -7.47 17.62
CA PHE A 528 -15.81 -8.81 17.21
C PHE A 528 -14.59 -9.72 17.16
N THR A 529 -13.48 -9.25 16.61
CA THR A 529 -12.22 -10.04 16.61
C THR A 529 -11.74 -10.47 18.04
N HIS A 530 -11.74 -9.51 18.98
CA HIS A 530 -11.48 -9.76 20.41
C HIS A 530 -12.38 -10.89 20.99
N MET A 531 -13.69 -10.81 20.75
CA MET A 531 -14.68 -11.79 21.28
C MET A 531 -14.40 -13.19 20.77
N ILE A 532 -14.23 -13.32 19.45
CA ILE A 532 -13.91 -14.60 18.81
C ILE A 532 -12.57 -15.16 19.31
N ALA A 533 -11.56 -14.29 19.46
CA ALA A 533 -10.24 -14.72 19.95
C ALA A 533 -10.30 -15.21 21.40
N GLN A 534 -11.01 -14.48 22.25
CA GLN A 534 -11.13 -14.83 23.64
C GLN A 534 -11.80 -16.17 23.84
N VAL A 535 -12.93 -16.42 23.15
CA VAL A 535 -13.66 -17.70 23.29
C VAL A 535 -12.87 -18.84 22.66
N CYS A 536 -11.94 -18.51 21.78
CA CYS A 536 -11.11 -19.53 21.17
C CYS A 536 -9.75 -19.68 21.84
N ASN A 537 -9.53 -18.98 22.96
CA ASN A 537 -8.24 -19.00 23.66
C ASN A 537 -7.10 -18.46 22.80
N LEU A 538 -7.39 -17.48 21.97
CA LEU A 538 -6.34 -16.83 21.18
C LEU A 538 -6.22 -15.38 21.57
N GLN A 539 -5.17 -14.74 21.08
CA GLN A 539 -4.96 -13.33 21.32
C GLN A 539 -5.29 -12.64 19.98
N PRO A 540 -6.04 -11.53 20.02
CA PRO A 540 -6.28 -10.81 18.75
C PRO A 540 -4.97 -10.26 18.17
N ALA A 541 -4.82 -10.38 16.85
CA ALA A 541 -3.71 -9.75 16.14
C ALA A 541 -4.22 -8.61 15.24
N GLN A 542 -4.46 -8.88 13.97
CA GLN A 542 -4.85 -7.80 13.08
C GLN A 542 -6.32 -7.78 12.73
N PHE A 543 -6.90 -6.57 12.71
CA PHE A 543 -8.14 -6.35 11.98
C PHE A 543 -7.80 -5.71 10.65
N ILE A 544 -8.20 -6.37 9.56
CA ILE A 544 -7.91 -5.93 8.20
C ILE A 544 -9.26 -5.63 7.52
N HIS A 545 -9.35 -4.43 6.96
CA HIS A 545 -10.61 -3.90 6.51
C HIS A 545 -10.44 -3.58 5.04
N VAL A 546 -11.24 -4.23 4.21
CA VAL A 546 -11.20 -4.01 2.77
C VAL A 546 -12.41 -3.19 2.40
N LEU A 547 -12.18 -2.16 1.62
CA LEU A 547 -13.25 -1.26 1.24
C LEU A 547 -13.49 -1.45 -0.26
N GLY A 548 -14.75 -1.62 -0.61
CA GLY A 548 -15.14 -1.72 -2.02
C GLY A 548 -15.43 -0.33 -2.52
N ASN A 549 -16.72 -0.02 -2.70
CA ASN A 549 -17.17 1.35 -2.99
C ASN A 549 -16.98 2.20 -1.79
N ALA A 550 -15.96 3.03 -1.83
CA ALA A 550 -15.60 3.88 -0.74
C ALA A 550 -16.01 5.30 -1.14
N HIS A 551 -16.94 5.84 -0.36
CA HIS A 551 -17.55 7.10 -0.71
C HIS A 551 -17.61 8.08 0.46
N VAL A 552 -17.36 9.34 0.11
CA VAL A 552 -17.58 10.48 0.99
C VAL A 552 -18.84 11.11 0.46
N TYR A 553 -19.86 11.19 1.31
CA TYR A 553 -21.08 11.92 0.90
C TYR A 553 -20.83 13.43 0.80
N ASN A 554 -21.51 14.09 -0.13
CA ASN A 554 -21.42 15.55 -0.34
C ASN A 554 -21.78 16.39 0.86
N ASN A 555 -22.67 15.91 1.70
CA ASN A 555 -23.06 16.67 2.89
C ASN A 555 -22.10 16.46 4.07
N HIS A 556 -21.02 15.70 3.87
CA HIS A 556 -20.02 15.45 4.94
C HIS A 556 -18.72 16.22 4.73
N ILE A 557 -18.61 16.92 3.61
CA ILE A 557 -17.37 17.57 3.17
C ILE A 557 -16.82 18.68 4.10
N ASP A 558 -17.71 19.52 4.64
CA ASP A 558 -17.25 20.61 5.53
C ASP A 558 -16.68 20.01 6.82
N SER A 559 -17.40 19.05 7.37
CA SER A 559 -17.01 18.43 8.62
C SER A 559 -15.82 17.46 8.53
N LEU A 560 -15.57 16.92 7.34
CA LEU A 560 -14.36 16.15 7.14
C LEU A 560 -13.11 17.03 6.86
N LYS A 561 -13.29 18.19 6.23
CA LYS A 561 -12.19 19.18 6.09
C LYS A 561 -11.73 19.59 7.48
N ILE A 562 -12.69 19.79 8.39
CA ILE A 562 -12.42 20.06 9.80
C ILE A 562 -11.71 18.88 10.48
N GLN A 563 -12.36 17.71 10.54
CA GLN A 563 -11.76 16.53 11.18
C GLN A 563 -10.31 16.23 10.71
N LEU A 564 -10.03 16.43 9.43
CA LEU A 564 -8.72 16.09 8.88
C LEU A 564 -7.59 17.05 9.25
N ASN A 565 -7.94 18.18 9.88
CA ASN A 565 -6.94 19.10 10.42
C ASN A 565 -6.72 18.89 11.91
N ARG A 566 -7.50 18.02 12.52
CA ARG A 566 -7.22 17.57 13.87
C ARG A 566 -6.13 16.47 13.89
N ILE A 567 -5.28 16.54 14.91
CA ILE A 567 -4.21 15.57 15.09
C ILE A 567 -4.67 14.49 16.07
N PRO A 568 -4.52 13.20 15.69
CA PRO A 568 -4.93 12.06 16.55
C PRO A 568 -4.22 12.00 17.89
N TYR A 569 -4.93 11.52 18.89
CA TYR A 569 -4.38 11.20 20.20
C TYR A 569 -4.04 9.70 20.27
N PRO A 570 -3.22 9.27 21.27
CA PRO A 570 -2.97 7.81 21.34
C PRO A 570 -4.29 7.08 21.56
N PHE A 571 -4.42 5.92 20.91
CA PHE A 571 -5.66 5.12 20.97
C PHE A 571 -5.94 4.61 22.36
N PRO A 572 -7.22 4.29 22.68
CA PRO A 572 -7.53 3.55 23.89
C PRO A 572 -7.32 2.03 23.78
N THR A 573 -7.82 1.32 24.79
CA THR A 573 -7.69 -0.15 24.92
C THR A 573 -9.04 -0.77 25.24
N LEU A 574 -9.25 -2.00 24.75
CA LEU A 574 -10.48 -2.71 25.01
C LEU A 574 -10.29 -3.77 26.08
N LYS A 575 -11.12 -3.72 27.12
CA LYS A 575 -11.11 -4.78 28.14
C LYS A 575 -12.39 -5.64 28.14
N LEU A 576 -12.21 -6.94 27.83
CA LEU A 576 -13.30 -7.89 27.91
C LEU A 576 -13.18 -8.62 29.21
N ASN A 577 -14.31 -8.84 29.88
CA ASN A 577 -14.36 -9.78 31.00
C ASN A 577 -13.76 -11.18 30.64
N PRO A 578 -12.60 -11.55 31.24
CA PRO A 578 -11.92 -12.82 30.91
C PRO A 578 -12.68 -14.10 31.20
N ASP A 579 -13.71 -14.00 32.06
CA ASP A 579 -14.54 -15.16 32.43
C ASP A 579 -15.47 -15.69 31.33
N ILE A 580 -15.70 -14.87 30.29
CA ILE A 580 -16.66 -15.23 29.22
C ILE A 580 -16.00 -16.18 28.22
N LYS A 581 -16.55 -17.38 28.08
CA LYS A 581 -15.86 -18.50 27.42
C LYS A 581 -16.58 -19.08 26.20
N ASN A 582 -17.82 -18.63 26.01
CA ASN A 582 -18.70 -19.03 24.92
C ASN A 582 -19.20 -17.72 24.30
N ILE A 583 -19.15 -17.65 22.97
CA ILE A 583 -19.59 -16.45 22.22
C ILE A 583 -20.99 -15.92 22.54
N GLU A 584 -21.83 -16.76 23.12
CA GLU A 584 -23.21 -16.41 23.41
C GLU A 584 -23.40 -15.78 24.80
N ASP A 585 -22.32 -15.79 25.60
CA ASP A 585 -22.39 -15.37 27.00
C ASP A 585 -22.05 -13.89 27.31
N PHE A 586 -21.63 -13.11 26.31
CA PHE A 586 -21.27 -11.70 26.52
C PHE A 586 -22.52 -10.84 26.78
N THR A 587 -22.38 -9.85 27.64
CA THR A 587 -23.46 -8.89 27.91
C THR A 587 -22.82 -7.51 27.87
N ILE A 588 -23.59 -6.46 27.66
CA ILE A 588 -23.08 -5.06 27.64
C ILE A 588 -21.97 -4.75 28.68
N SER A 589 -22.14 -5.22 29.91
CA SER A 589 -21.20 -4.91 31.00
C SER A 589 -19.85 -5.68 30.99
N ASP A 590 -19.71 -6.62 30.05
CA ASP A 590 -18.44 -7.32 29.81
C ASP A 590 -17.43 -6.53 28.96
N PHE A 591 -17.79 -5.31 28.60
CA PHE A 591 -16.98 -4.47 27.72
C PHE A 591 -16.59 -3.19 28.45
N THR A 592 -15.28 -2.88 28.47
CA THR A 592 -14.81 -1.58 28.93
C THR A 592 -13.79 -0.98 27.96
N ILE A 593 -14.02 0.28 27.59
CA ILE A 593 -13.08 1.11 26.83
C ILE A 593 -12.33 1.94 27.83
N GLN A 594 -11.00 1.81 27.84
CA GLN A 594 -10.17 2.59 28.79
C GLN A 594 -9.29 3.60 28.09
N ASN A 595 -9.19 4.78 28.69
CA ASN A 595 -8.27 5.83 28.24
C ASN A 595 -8.58 6.42 26.86
N TYR A 596 -9.87 6.46 26.55
CA TYR A 596 -10.32 7.10 25.34
C TYR A 596 -10.11 8.62 25.48
N VAL A 597 -9.14 9.14 24.74
CA VAL A 597 -8.85 10.56 24.67
C VAL A 597 -9.24 10.98 23.28
N HIS A 598 -10.03 12.04 23.13
CA HIS A 598 -10.63 12.39 21.81
C HIS A 598 -10.90 13.88 21.64
N HIS A 599 -10.84 14.33 20.40
CA HIS A 599 -11.38 15.63 20.02
C HIS A 599 -12.92 15.70 20.15
N GLU A 600 -13.44 16.93 20.09
CA GLU A 600 -14.85 17.23 20.28
C GLU A 600 -15.72 16.50 19.24
N LYS A 601 -16.94 16.15 19.65
CA LYS A 601 -17.96 15.58 18.78
C LYS A 601 -18.30 16.53 17.59
N ILE A 602 -18.34 15.93 16.40
CA ILE A 602 -18.71 16.62 15.16
C ILE A 602 -20.07 16.10 14.69
N SER A 603 -20.92 16.97 14.15
CA SER A 603 -22.15 16.57 13.44
C SER A 603 -21.85 16.54 11.94
N MET A 604 -21.91 15.34 11.37
CA MET A 604 -21.40 15.08 10.02
C MET A 604 -22.14 15.86 8.91
N ASP A 605 -23.48 15.89 9.01
CA ASP A 605 -24.29 16.87 8.28
C ASP A 605 -24.81 17.96 9.24
N MET A 606 -24.84 19.20 8.75
CA MET A 606 -25.37 20.34 9.49
C MET A 606 -26.80 20.77 9.11
N ALA A 607 -27.62 19.79 8.73
CA ALA A 607 -29.06 19.97 8.45
C ALA A 607 -29.98 19.31 9.51
N ALA A 608 -29.37 18.56 10.43
CA ALA A 608 -30.04 17.94 11.59
C ALA A 608 -29.42 18.45 12.91
N MET B 1 42.78 1.30 -13.47
CA MET B 1 41.56 2.14 -13.35
C MET B 1 41.92 3.64 -13.40
N MET B 2 41.61 4.24 -14.54
CA MET B 2 41.50 5.71 -14.66
C MET B 2 40.02 6.04 -14.50
N GLU B 3 39.74 6.94 -13.54
CA GLU B 3 38.37 7.39 -13.24
C GLU B 3 37.65 7.54 -14.58
N GLN B 4 36.53 6.86 -14.77
CA GLN B 4 36.05 6.67 -16.17
C GLN B 4 35.58 7.85 -17.04
N VAL B 5 35.84 7.70 -18.34
CA VAL B 5 35.65 8.74 -19.37
C VAL B 5 34.20 9.26 -19.42
N CYS B 6 33.25 8.33 -19.51
CA CYS B 6 31.82 8.63 -19.61
C CYS B 6 31.16 8.91 -18.26
N ASP B 7 31.84 8.57 -17.18
CA ASP B 7 31.42 8.90 -15.81
C ASP B 7 31.79 10.34 -15.47
N VAL B 8 32.94 10.78 -16.00
CA VAL B 8 33.39 12.17 -15.92
C VAL B 8 32.49 13.06 -16.80
N PHE B 9 32.26 12.63 -18.04
CA PHE B 9 31.54 13.45 -19.02
C PHE B 9 30.03 13.17 -19.16
N ASP B 10 29.54 12.22 -18.35
CA ASP B 10 28.13 11.80 -18.28
C ASP B 10 27.57 11.43 -19.66
N ILE B 11 28.10 10.34 -20.23
CA ILE B 11 27.71 9.90 -21.57
C ILE B 11 26.79 8.66 -21.55
N TYR B 12 25.58 8.91 -22.03
CA TYR B 12 24.48 7.96 -21.97
C TYR B 12 23.96 7.65 -23.35
N ALA B 13 23.46 6.43 -23.48
CA ALA B 13 22.78 5.99 -24.68
C ALA B 13 21.27 5.92 -24.41
N ILE B 14 20.50 6.74 -25.15
CA ILE B 14 19.04 6.61 -25.17
C ILE B 14 18.53 6.10 -26.55
N CYS B 15 17.85 4.94 -26.55
CA CYS B 15 17.32 4.29 -27.78
C CYS B 15 15.89 3.78 -27.65
N ALA B 16 15.27 3.50 -28.80
CA ALA B 16 13.98 2.82 -28.87
C ALA B 16 14.04 1.62 -29.84
N CYS B 17 13.66 0.45 -29.33
CA CYS B 17 13.69 -0.83 -30.07
C CYS B 17 12.37 -1.59 -30.06
N CYS B 18 11.95 -2.02 -31.25
CA CYS B 18 10.78 -2.87 -31.42
C CYS B 18 11.20 -4.33 -31.57
N LYS B 19 10.21 -5.21 -31.82
CA LYS B 19 10.49 -6.60 -32.20
C LYS B 19 10.71 -6.67 -33.71
N VAL B 20 11.51 -7.66 -34.17
CA VAL B 20 11.87 -7.74 -35.59
C VAL B 20 11.20 -8.93 -36.28
N GLU B 21 10.59 -8.64 -37.43
CA GLU B 21 9.94 -9.66 -38.25
C GLU B 21 10.97 -10.56 -38.92
N SER B 22 11.11 -11.78 -38.40
CA SER B 22 11.88 -12.82 -39.07
C SER B 22 10.94 -13.96 -39.47
N LYS B 23 9.84 -13.57 -40.11
CA LYS B 23 8.77 -14.46 -40.59
C LYS B 23 9.29 -15.43 -41.71
N ASN B 24 8.87 -16.70 -41.72
CA ASN B 24 7.79 -17.28 -40.88
C ASN B 24 8.13 -18.54 -40.05
N GLU B 25 9.36 -18.60 -39.54
CA GLU B 25 9.87 -19.77 -38.79
C GLU B 25 9.23 -19.93 -37.39
N GLY B 26 7.96 -20.34 -37.39
CA GLY B 26 7.16 -20.54 -36.17
C GLY B 26 6.60 -19.28 -35.54
N LYS B 27 5.86 -19.46 -34.44
CA LYS B 27 5.34 -18.37 -33.59
C LYS B 27 5.20 -18.82 -32.12
N LYS B 28 4.70 -20.05 -31.93
CA LYS B 28 4.58 -20.67 -30.60
C LYS B 28 5.91 -21.26 -30.10
N ASN B 29 6.80 -21.61 -31.02
CA ASN B 29 8.17 -22.01 -30.69
C ASN B 29 9.10 -20.80 -30.79
N GLU B 30 9.09 -19.96 -29.76
CA GLU B 30 10.00 -18.81 -29.66
C GLU B 30 10.63 -18.72 -28.28
N VAL B 31 11.95 -18.57 -28.28
CA VAL B 31 12.74 -18.44 -27.06
C VAL B 31 13.06 -16.94 -26.98
N PHE B 32 12.40 -16.25 -26.05
CA PHE B 32 12.60 -14.81 -25.82
C PHE B 32 13.79 -14.52 -24.89
N ASN B 33 14.46 -13.38 -25.13
CA ASN B 33 15.53 -12.81 -24.30
C ASN B 33 15.59 -11.28 -24.51
N ASN B 34 16.54 -10.59 -23.86
CA ASN B 34 16.66 -9.12 -23.99
C ASN B 34 16.85 -8.63 -25.44
N TYR B 35 17.62 -9.42 -26.19
CA TYR B 35 17.92 -9.26 -27.62
C TYR B 35 16.66 -9.24 -28.53
N THR B 36 15.55 -9.82 -28.06
CA THR B 36 14.23 -9.70 -28.73
C THR B 36 13.90 -8.26 -29.19
N PHE B 37 14.12 -7.30 -28.31
CA PHE B 37 13.87 -5.90 -28.65
C PHE B 37 15.17 -5.36 -29.22
N ARG B 38 15.10 -4.98 -30.50
CA ARG B 38 16.30 -4.89 -31.32
C ARG B 38 16.22 -3.92 -32.49
N GLY B 39 15.02 -3.75 -33.03
CA GLY B 39 14.85 -3.01 -34.28
C GLY B 39 14.85 -1.52 -34.07
N LEU B 40 15.81 -0.85 -34.71
CA LEU B 40 15.97 0.61 -34.63
C LEU B 40 15.28 1.37 -35.75
N GLY B 41 15.44 0.88 -36.97
CA GLY B 41 15.04 1.63 -38.16
C GLY B 41 14.85 0.84 -39.43
N ASN B 42 14.21 1.49 -40.40
CA ASN B 42 13.80 0.88 -41.65
C ASN B 42 13.75 1.97 -42.74
N LYS B 43 14.66 1.85 -43.71
CA LYS B 43 14.65 2.64 -44.95
C LYS B 43 14.51 4.17 -44.75
N GLY B 44 15.32 4.71 -43.83
CA GLY B 44 15.41 6.17 -43.62
C GLY B 44 14.50 6.80 -42.58
N VAL B 45 13.68 5.97 -41.94
CA VAL B 45 12.77 6.42 -40.89
C VAL B 45 12.72 5.36 -39.76
N LEU B 46 11.96 5.65 -38.70
CA LEU B 46 11.67 4.69 -37.62
C LEU B 46 10.76 3.58 -38.17
N PRO B 47 10.79 2.35 -37.59
CA PRO B 47 9.89 1.28 -38.08
C PRO B 47 8.39 1.50 -37.86
N TRP B 48 8.01 2.41 -36.95
CA TRP B 48 6.60 2.66 -36.58
C TRP B 48 6.07 4.02 -37.04
N LYS B 49 4.76 4.09 -37.25
CA LYS B 49 4.06 5.31 -37.67
C LYS B 49 4.22 6.51 -36.71
N CYS B 50 4.18 6.27 -35.39
CA CYS B 50 4.32 7.35 -34.38
C CYS B 50 5.00 6.94 -33.05
N ILE B 51 4.18 6.61 -32.03
CA ILE B 51 4.55 6.29 -30.60
C ILE B 51 4.79 7.51 -29.68
N SER B 52 3.73 8.26 -29.39
CA SER B 52 3.84 9.57 -28.73
C SER B 52 4.46 9.57 -27.32
N LEU B 53 4.15 8.56 -26.51
CA LEU B 53 4.69 8.52 -25.15
C LEU B 53 6.20 8.35 -25.08
N ASP B 54 6.77 7.58 -26.01
CA ASP B 54 8.23 7.45 -26.07
C ASP B 54 8.87 8.73 -26.60
N MET B 55 8.20 9.42 -27.52
CA MET B 55 8.57 10.77 -27.95
C MET B 55 8.61 11.75 -26.77
N LYS B 56 7.59 11.73 -25.91
CA LYS B 56 7.51 12.59 -24.73
C LYS B 56 8.53 12.21 -23.65
N TYR B 57 8.90 10.94 -23.59
CA TYR B 57 9.96 10.46 -22.68
C TYR B 57 11.32 10.97 -23.12
N PHE B 58 11.65 10.73 -24.39
CA PHE B 58 12.86 11.21 -25.02
C PHE B 58 13.04 12.70 -24.74
N ARG B 59 12.01 13.49 -25.06
CA ARG B 59 11.99 14.93 -24.83
C ARG B 59 12.39 15.32 -23.39
N ALA B 60 11.74 14.73 -22.39
CA ALA B 60 12.04 15.03 -20.99
C ALA B 60 13.40 14.52 -20.48
N VAL B 61 13.86 13.35 -20.95
CA VAL B 61 15.18 12.83 -20.53
C VAL B 61 16.30 13.68 -21.12
N THR B 62 16.18 14.01 -22.41
CA THR B 62 17.20 14.81 -23.10
C THR B 62 17.10 16.34 -22.89
N THR B 63 15.99 16.86 -22.36
CA THR B 63 15.91 18.31 -22.02
C THR B 63 15.81 18.64 -20.52
N TYR B 64 16.01 17.66 -19.65
CA TYR B 64 16.01 17.92 -18.20
C TYR B 64 17.41 18.17 -17.68
N VAL B 65 17.54 19.32 -17.00
CA VAL B 65 18.75 19.72 -16.29
C VAL B 65 18.41 20.01 -14.82
N ASN B 66 19.34 19.73 -13.92
CA ASN B 66 19.22 20.14 -12.53
C ASN B 66 20.36 21.09 -12.15
N GLU B 67 20.03 22.37 -11.99
CA GLU B 67 21.01 23.47 -11.82
C GLU B 67 21.91 23.31 -10.60
N SER B 68 21.33 22.82 -9.50
CA SER B 68 22.03 22.56 -8.24
C SER B 68 23.20 21.59 -8.39
N LYS B 69 22.91 20.39 -8.86
CA LYS B 69 23.89 19.31 -8.99
C LYS B 69 24.99 19.59 -10.01
N TYR B 70 24.82 20.66 -10.80
CA TYR B 70 25.79 21.07 -11.83
C TYR B 70 27.15 21.49 -11.28
N GLU B 71 27.15 22.33 -10.25
CA GLU B 71 28.40 22.76 -9.61
C GLU B 71 29.26 21.56 -9.17
N LYS B 72 28.62 20.56 -8.57
CA LYS B 72 29.26 19.28 -8.21
C LYS B 72 29.90 18.55 -9.40
N LEU B 73 29.33 18.78 -10.58
CA LEU B 73 29.80 18.18 -11.83
C LEU B 73 30.78 19.06 -12.61
N LYS B 74 30.65 20.40 -12.51
CA LYS B 74 31.58 21.33 -13.14
C LYS B 74 32.94 21.30 -12.44
N TYR B 75 32.91 21.27 -11.11
CA TYR B 75 34.10 21.04 -10.27
C TYR B 75 34.77 19.68 -10.57
N LYS B 76 33.96 18.65 -10.84
CA LYS B 76 34.45 17.31 -11.17
C LYS B 76 35.14 17.27 -12.55
N ARG B 77 34.59 18.01 -13.52
CA ARG B 77 35.05 18.00 -14.92
C ARG B 77 36.38 18.72 -15.13
N CYS B 78 36.45 20.01 -14.75
CA CYS B 78 37.65 20.86 -14.86
C CYS B 78 38.89 20.30 -14.14
N LYS B 79 38.66 19.61 -13.01
CA LYS B 79 39.71 18.96 -12.22
C LYS B 79 40.48 17.91 -13.02
N TYR B 80 39.78 17.22 -13.91
CA TYR B 80 40.30 16.09 -14.69
C TYR B 80 41.16 16.48 -15.89
N LEU B 81 40.74 17.52 -16.62
CA LEU B 81 41.44 17.97 -17.83
C LEU B 81 42.42 19.14 -17.60
N ASN B 82 42.27 19.83 -16.47
CA ASN B 82 42.95 21.11 -16.14
C ASN B 82 42.65 22.22 -17.18
N LYS B 83 41.52 22.89 -16.99
CA LYS B 83 40.93 23.82 -17.95
C LYS B 83 39.98 24.79 -17.22
N GLU B 84 39.52 25.82 -17.94
CA GLU B 84 38.49 26.78 -17.47
C GLU B 84 37.72 27.37 -18.66
N THR B 85 36.40 27.24 -18.63
CA THR B 85 35.54 27.76 -19.71
C THR B 85 34.34 28.52 -19.15
N LYS B 96 21.41 32.07 -21.39
CA LYS B 96 21.57 32.05 -19.94
C LYS B 96 21.54 30.62 -19.38
N LYS B 97 20.45 29.89 -19.66
CA LYS B 97 20.15 28.61 -19.01
C LYS B 97 20.98 27.43 -19.51
N LEU B 98 21.15 26.44 -18.65
CA LEU B 98 21.98 25.25 -18.89
C LEU B 98 21.29 24.17 -19.73
N GLN B 99 22.07 23.50 -20.59
CA GLN B 99 21.57 22.55 -21.60
C GLN B 99 22.30 21.20 -21.57
N ASN B 100 21.66 20.20 -22.18
CA ASN B 100 22.24 18.87 -22.36
C ASN B 100 22.86 18.71 -23.76
N VAL B 101 23.81 17.80 -23.88
CA VAL B 101 24.44 17.54 -25.17
C VAL B 101 23.92 16.23 -25.78
N VAL B 102 23.18 16.37 -26.88
CA VAL B 102 22.73 15.22 -27.69
C VAL B 102 23.67 14.94 -28.87
N VAL B 103 24.13 13.70 -28.97
CA VAL B 103 25.01 13.26 -30.06
C VAL B 103 24.26 12.35 -31.02
N MET B 104 24.37 12.63 -32.32
CA MET B 104 23.76 11.79 -33.36
C MET B 104 24.62 11.65 -34.60
N GLY B 105 24.24 10.71 -35.47
CA GLY B 105 24.87 10.52 -36.77
C GLY B 105 24.24 11.40 -37.83
N ARG B 106 24.78 11.32 -39.05
CA ARG B 106 24.32 12.16 -40.15
C ARG B 106 22.91 11.74 -40.63
N THR B 107 22.75 10.46 -40.97
CA THR B 107 21.45 9.91 -41.46
C THR B 107 20.35 10.24 -40.46
N ASN B 108 20.66 10.00 -39.18
CA ASN B 108 19.86 10.40 -38.03
C ASN B 108 19.48 11.88 -38.07
N TRP B 109 20.46 12.76 -38.26
CA TRP B 109 20.23 14.23 -38.30
C TRP B 109 19.38 14.65 -39.50
N GLU B 110 19.77 14.21 -40.69
CA GLU B 110 18.97 14.46 -41.89
C GLU B 110 17.95 13.34 -42.13
N SER B 111 16.91 13.39 -41.29
CA SER B 111 15.66 12.64 -41.44
C SER B 111 14.58 13.42 -40.72
N ILE B 112 15.03 14.26 -39.79
CA ILE B 112 14.19 15.14 -38.95
C ILE B 112 13.76 16.37 -39.76
N PRO B 113 12.48 16.80 -39.66
CA PRO B 113 12.03 18.00 -40.39
C PRO B 113 12.72 19.30 -39.96
N LYS B 114 12.87 20.23 -40.91
CA LYS B 114 13.49 21.56 -40.68
C LYS B 114 12.71 22.48 -39.73
N LYS B 115 11.42 22.23 -39.58
CA LYS B 115 10.61 22.91 -38.55
C LYS B 115 10.99 22.45 -37.15
N PHE B 116 11.49 21.21 -37.04
CA PHE B 116 11.95 20.62 -35.77
C PHE B 116 13.48 20.37 -35.72
N LYS B 117 14.25 21.21 -36.42
CA LYS B 117 15.72 21.22 -36.32
C LYS B 117 16.28 22.62 -36.03
N PRO B 118 17.22 22.75 -35.06
CA PRO B 118 17.72 21.70 -34.16
C PRO B 118 16.82 21.48 -32.94
N LEU B 119 17.09 20.40 -32.21
CA LEU B 119 16.29 19.99 -31.05
C LEU B 119 16.35 21.06 -29.95
N SER B 120 15.18 21.54 -29.52
CA SER B 120 15.05 22.67 -28.60
C SER B 120 15.70 22.43 -27.24
N ASN B 121 16.46 23.41 -26.77
CA ASN B 121 17.15 23.43 -25.46
C ASN B 121 18.26 22.38 -25.26
N ARG B 122 18.81 21.87 -26.35
CA ARG B 122 19.96 20.97 -26.33
C ARG B 122 21.12 21.45 -27.20
N ILE B 123 22.30 20.85 -26.97
CA ILE B 123 23.48 21.10 -27.79
C ILE B 123 23.65 19.92 -28.76
N ASN B 124 23.61 20.22 -30.06
CA ASN B 124 23.37 19.22 -31.12
C ASN B 124 24.61 18.75 -31.94
N VAL B 125 25.52 18.01 -31.30
CA VAL B 125 26.71 17.44 -31.98
C VAL B 125 26.30 16.39 -33.04
N ILE B 126 27.09 16.29 -34.13
CA ILE B 126 26.83 15.34 -35.23
C ILE B 126 28.10 14.57 -35.63
N LEU B 127 28.00 13.24 -35.74
CA LEU B 127 29.06 12.40 -36.31
C LEU B 127 28.94 12.21 -37.82
N SER B 128 29.92 12.74 -38.55
CA SER B 128 29.98 12.75 -40.02
C SER B 128 31.42 13.00 -40.51
N ARG B 129 31.94 12.10 -41.36
CA ARG B 129 33.25 12.31 -42.03
C ARG B 129 33.11 13.09 -43.34
N THR B 130 31.98 13.79 -43.50
CA THR B 130 31.67 14.50 -44.74
C THR B 130 31.51 16.02 -44.55
N LEU B 131 30.43 16.43 -43.89
CA LEU B 131 30.01 17.83 -43.81
C LEU B 131 30.96 18.74 -43.02
N LYS B 132 30.98 20.02 -43.41
CA LYS B 132 31.71 21.08 -42.67
C LYS B 132 30.76 22.20 -42.20
N LYS B 133 31.24 23.05 -41.29
CA LYS B 133 30.38 23.98 -40.53
C LYS B 133 29.53 24.97 -41.34
N GLU B 134 29.98 25.30 -42.56
CA GLU B 134 29.38 26.34 -43.42
C GLU B 134 27.90 26.14 -43.75
N ASP B 135 27.50 24.87 -43.90
CA ASP B 135 26.13 24.47 -44.24
C ASP B 135 25.10 24.76 -43.15
N PHE B 136 25.54 24.74 -41.87
CA PHE B 136 24.67 25.08 -40.73
C PHE B 136 25.14 26.39 -40.11
N ASP B 137 24.50 27.48 -40.55
CA ASP B 137 24.76 28.85 -40.08
C ASP B 137 24.38 29.02 -38.59
N GLU B 138 23.60 28.06 -38.10
CA GLU B 138 23.07 28.03 -36.73
C GLU B 138 24.18 27.83 -35.66
N ASP B 139 23.77 27.87 -34.39
CA ASP B 139 24.66 27.57 -33.27
C ASP B 139 24.70 26.05 -32.97
N VAL B 140 24.98 25.26 -34.02
CA VAL B 140 25.12 23.80 -33.93
C VAL B 140 26.48 23.30 -34.40
N TYR B 141 27.01 22.33 -33.65
CA TYR B 141 28.39 21.86 -33.80
C TYR B 141 28.46 20.60 -34.66
N ILE B 142 29.67 20.32 -35.17
CA ILE B 142 29.97 19.10 -35.94
C ILE B 142 31.29 18.52 -35.44
N ILE B 143 31.34 17.20 -35.34
CA ILE B 143 32.59 16.47 -35.12
C ILE B 143 32.86 15.53 -36.32
N ASN B 144 33.89 14.69 -36.22
CA ASN B 144 34.27 13.77 -37.31
C ASN B 144 35.01 12.49 -36.85
N LYS B 145 35.23 12.38 -35.54
CA LYS B 145 35.93 11.23 -34.94
C LYS B 145 35.41 10.88 -33.55
N VAL B 146 35.83 9.72 -33.06
CA VAL B 146 35.45 9.20 -31.74
C VAL B 146 35.91 10.07 -30.56
N GLU B 147 37.11 10.63 -30.68
CA GLU B 147 37.70 11.48 -29.64
C GLU B 147 37.26 12.95 -29.69
N ASP B 148 36.89 13.44 -30.88
CA ASP B 148 36.50 14.86 -31.12
C ASP B 148 35.35 15.37 -30.22
N LEU B 149 34.51 14.44 -29.77
CA LEU B 149 33.44 14.73 -28.83
C LEU B 149 34.00 15.03 -27.44
N ILE B 150 34.81 14.09 -26.91
CA ILE B 150 35.51 14.22 -25.64
C ILE B 150 36.10 15.64 -25.49
N VAL B 151 36.75 16.11 -26.55
CA VAL B 151 37.30 17.47 -26.65
C VAL B 151 36.20 18.54 -26.59
N LEU B 152 35.17 18.39 -27.44
CA LEU B 152 34.09 19.39 -27.57
C LEU B 152 33.23 19.54 -26.30
N LEU B 153 33.19 18.48 -25.48
CA LEU B 153 32.53 18.54 -24.17
C LEU B 153 33.35 19.38 -23.16
N GLY B 154 34.68 19.23 -23.22
CA GLY B 154 35.61 19.96 -22.34
C GLY B 154 35.51 21.47 -22.43
N LYS B 155 35.27 21.96 -23.65
CA LYS B 155 35.18 23.39 -23.90
C LYS B 155 33.78 23.95 -23.61
N LEU B 156 32.78 23.06 -23.55
CA LEU B 156 31.39 23.45 -23.36
C LEU B 156 30.86 23.29 -21.93
N ASN B 157 29.90 24.16 -21.59
CA ASN B 157 29.12 24.11 -20.33
C ASN B 157 27.78 23.39 -20.56
N TYR B 158 27.70 22.14 -20.09
CA TYR B 158 26.51 21.29 -20.31
C TYR B 158 26.09 20.52 -19.06
N TYR B 159 24.95 19.82 -19.13
CA TYR B 159 24.48 18.94 -18.04
C TYR B 159 24.86 17.46 -18.25
N LYS B 160 24.24 16.82 -19.25
CA LYS B 160 24.55 15.42 -19.59
C LYS B 160 24.69 15.17 -21.10
N CYS B 161 25.39 14.08 -21.47
CA CYS B 161 25.54 13.70 -22.88
C CYS B 161 24.76 12.46 -23.37
N PHE B 162 23.83 12.69 -24.28
CA PHE B 162 22.92 11.66 -24.80
C PHE B 162 23.19 11.26 -26.26
N ILE B 163 23.64 10.02 -26.45
CA ILE B 163 23.93 9.43 -27.76
C ILE B 163 22.64 8.88 -28.42
N LEU B 164 22.20 9.54 -29.49
CA LEU B 164 20.90 9.23 -30.10
C LEU B 164 20.92 8.21 -31.23
N GLY B 165 22.08 7.63 -31.52
CA GLY B 165 22.21 6.68 -32.63
C GLY B 165 22.45 7.31 -34.01
N GLY B 166 22.11 6.61 -35.11
CA GLY B 166 21.55 5.27 -35.11
C GLY B 166 22.57 4.16 -34.88
N SER B 167 22.40 3.05 -35.60
CA SER B 167 23.12 1.79 -35.30
C SER B 167 24.65 1.86 -35.23
N VAL B 168 25.29 2.48 -36.24
CA VAL B 168 26.75 2.57 -36.30
C VAL B 168 27.28 3.46 -35.16
N VAL B 169 26.66 4.64 -35.00
CA VAL B 169 26.89 5.52 -33.85
C VAL B 169 26.82 4.75 -32.52
N TYR B 170 25.69 4.07 -32.27
CA TYR B 170 25.53 3.17 -31.12
C TYR B 170 26.61 2.08 -31.02
N GLN B 171 26.86 1.40 -32.14
CA GLN B 171 27.81 0.28 -32.22
C GLN B 171 29.20 0.64 -31.68
N GLU B 172 29.72 1.80 -32.10
CA GLU B 172 31.09 2.18 -31.75
C GLU B 172 31.24 2.96 -30.43
N PHE B 173 30.13 3.51 -29.93
CA PHE B 173 30.12 4.06 -28.57
C PHE B 173 30.15 2.99 -27.48
N LEU B 174 29.74 1.77 -27.83
CA LEU B 174 29.75 0.61 -26.91
C LEU B 174 30.98 -0.28 -27.10
N GLU B 175 31.54 -0.25 -28.30
CA GLU B 175 32.76 -0.97 -28.65
C GLU B 175 33.96 -0.42 -27.85
N LYS B 176 34.08 0.92 -27.83
CA LYS B 176 35.10 1.63 -27.03
C LYS B 176 34.65 2.04 -25.62
N LYS B 177 33.56 1.42 -25.16
CA LYS B 177 33.10 1.43 -23.74
C LYS B 177 32.82 2.82 -23.10
N LEU B 178 32.30 3.72 -23.93
CA LEU B 178 32.08 5.14 -23.59
C LEU B 178 30.62 5.47 -23.20
N ILE B 179 29.87 4.45 -22.80
CA ILE B 179 28.52 4.62 -22.26
C ILE B 179 28.51 3.96 -20.88
N LYS B 180 28.05 4.71 -19.88
CA LYS B 180 27.83 4.15 -18.54
C LYS B 180 26.41 3.62 -18.31
N LYS B 181 25.41 4.32 -18.83
CA LYS B 181 24.00 3.94 -18.70
C LYS B 181 23.23 3.97 -20.04
N ILE B 182 22.39 2.95 -20.24
CA ILE B 182 21.56 2.78 -21.44
C ILE B 182 20.08 2.96 -21.10
N TYR B 183 19.47 4.00 -21.63
CA TYR B 183 18.06 4.28 -21.43
C TYR B 183 17.32 3.71 -22.63
N PHE B 184 16.53 2.67 -22.37
CA PHE B 184 16.11 1.72 -23.39
C PHE B 184 14.59 1.57 -23.29
N THR B 185 13.89 2.09 -24.28
CA THR B 185 12.47 1.80 -24.46
C THR B 185 12.26 0.46 -25.19
N ARG B 186 11.52 -0.45 -24.56
CA ARG B 186 11.09 -1.68 -25.25
C ARG B 186 9.69 -1.54 -25.86
N ILE B 187 9.60 -1.52 -27.19
CA ILE B 187 8.35 -1.38 -27.93
C ILE B 187 7.81 -2.78 -28.23
N ASN B 188 6.70 -3.15 -27.60
CA ASN B 188 6.20 -4.53 -27.67
C ASN B 188 5.30 -4.82 -28.87
N SER B 189 5.91 -4.75 -30.05
CA SER B 189 5.29 -5.07 -31.34
C SER B 189 6.31 -5.26 -32.44
N THR B 190 5.84 -5.87 -33.53
CA THR B 190 6.70 -6.27 -34.66
C THR B 190 6.46 -5.36 -35.89
N TYR B 191 7.57 -5.00 -36.52
CA TYR B 191 7.60 -4.17 -37.71
C TYR B 191 8.78 -4.66 -38.55
N GLU B 192 8.79 -4.25 -39.82
CA GLU B 192 9.92 -4.52 -40.72
C GLU B 192 11.03 -3.52 -40.41
N CYS B 193 12.24 -4.07 -40.25
CA CYS B 193 13.45 -3.33 -39.87
C CYS B 193 14.66 -3.84 -40.67
N ASP B 194 15.53 -2.91 -41.06
CA ASP B 194 16.83 -3.29 -41.65
C ASP B 194 18.05 -2.88 -40.82
N VAL B 195 17.84 -2.06 -39.80
CA VAL B 195 18.91 -1.71 -38.87
C VAL B 195 18.55 -1.95 -37.41
N PHE B 196 19.50 -2.55 -36.71
CA PHE B 196 19.27 -3.12 -35.40
C PHE B 196 20.22 -2.53 -34.36
N PHE B 197 19.70 -2.32 -33.14
CA PHE B 197 20.55 -2.04 -32.00
C PHE B 197 21.45 -3.27 -31.73
N PRO B 198 22.72 -3.04 -31.38
CA PRO B 198 23.61 -4.17 -31.12
C PRO B 198 23.22 -5.04 -29.92
N GLU B 199 23.57 -6.32 -30.02
CA GLU B 199 23.58 -7.25 -28.89
C GLU B 199 24.26 -6.57 -27.71
N ILE B 200 23.52 -6.41 -26.61
CA ILE B 200 24.06 -5.83 -25.38
C ILE B 200 24.71 -6.95 -24.57
N ASN B 201 26.01 -6.83 -24.35
CA ASN B 201 26.78 -7.88 -23.68
C ASN B 201 26.36 -8.03 -22.21
N GLU B 202 26.29 -9.29 -21.78
CA GLU B 202 25.84 -9.66 -20.44
C GLU B 202 26.78 -9.19 -19.33
N ASN B 203 28.08 -9.47 -19.49
CA ASN B 203 29.08 -9.16 -18.48
C ASN B 203 29.32 -7.66 -18.30
N GLU B 204 29.19 -6.91 -19.40
CA GLU B 204 29.37 -5.45 -19.42
C GLU B 204 28.22 -4.72 -18.71
N TYR B 205 26.98 -4.99 -19.16
CA TYR B 205 25.79 -4.23 -18.74
C TYR B 205 24.74 -5.11 -18.05
N GLN B 206 24.11 -4.56 -17.02
CA GLN B 206 22.97 -5.20 -16.36
C GLN B 206 21.85 -4.20 -16.09
N ILE B 207 20.62 -4.70 -16.16
CA ILE B 207 19.43 -3.87 -15.94
C ILE B 207 19.39 -3.49 -14.46
N ILE B 208 19.06 -2.24 -14.16
CA ILE B 208 18.98 -1.74 -12.79
C ILE B 208 17.60 -1.16 -12.44
N SER B 209 16.87 -0.74 -13.46
CA SER B 209 15.50 -0.23 -13.30
C SER B 209 14.63 -0.59 -14.47
N VAL B 210 13.36 -0.86 -14.16
CA VAL B 210 12.29 -1.16 -15.12
C VAL B 210 11.04 -0.37 -14.71
N SER B 211 10.48 0.37 -15.65
CA SER B 211 9.34 1.21 -15.36
C SER B 211 8.01 0.42 -15.37
N ASP B 212 6.95 1.16 -15.08
CA ASP B 212 5.58 0.80 -15.39
C ASP B 212 5.37 0.38 -16.86
N VAL B 213 4.22 -0.21 -17.13
CA VAL B 213 3.83 -0.60 -18.52
C VAL B 213 2.71 0.34 -19.08
N TYR B 214 2.83 0.67 -20.38
CA TYR B 214 1.94 1.66 -20.99
C TYR B 214 1.43 1.25 -22.36
N THR B 215 0.31 1.87 -22.73
CA THR B 215 -0.17 1.79 -24.09
C THR B 215 -0.08 3.19 -24.70
N SER B 216 0.64 3.28 -25.82
CA SER B 216 0.60 4.47 -26.68
C SER B 216 0.45 3.96 -28.09
N ASN B 217 -0.54 4.51 -28.80
CA ASN B 217 -0.79 4.18 -30.22
C ASN B 217 -0.69 2.69 -30.49
N ASN B 218 -1.62 1.92 -29.93
CA ASN B 218 -1.79 0.48 -30.23
C ASN B 218 -0.61 -0.47 -30.01
N THR B 219 0.28 -0.07 -29.11
CA THR B 219 1.32 -0.95 -28.65
C THR B 219 1.50 -0.74 -27.15
N THR B 220 1.77 -1.84 -26.43
CA THR B 220 2.38 -1.72 -25.12
C THR B 220 3.87 -1.46 -25.31
N LEU B 221 4.50 -0.95 -24.24
CA LEU B 221 5.93 -0.56 -24.19
C LEU B 221 6.37 -0.32 -22.76
N ASP B 222 7.63 -0.55 -22.45
CA ASP B 222 8.19 -0.25 -21.12
C ASP B 222 9.54 0.49 -21.24
N PHE B 223 9.97 1.15 -20.21
CA PHE B 223 11.27 1.87 -20.19
C PHE B 223 12.25 1.19 -19.23
N ILE B 224 13.30 0.62 -19.70
CA ILE B 224 14.29 0.01 -18.80
C ILE B 224 15.58 0.85 -18.82
N ILE B 225 16.48 0.59 -17.86
CA ILE B 225 17.77 1.26 -17.76
C ILE B 225 18.86 0.22 -17.45
N TYR B 226 19.88 0.17 -18.30
CA TYR B 226 21.07 -0.67 -18.08
C TYR B 226 22.18 0.20 -17.48
N LYS B 227 23.01 -0.42 -16.64
CA LYS B 227 24.19 0.22 -16.06
C LYS B 227 25.44 -0.63 -16.33
N LYS B 228 26.56 0.05 -16.58
CA LYS B 228 27.88 -0.59 -16.74
C LYS B 228 28.31 -1.21 -15.41
N THR B 229 29.01 -2.34 -15.47
CA THR B 229 29.51 -3.02 -14.25
C THR B 229 30.96 -3.51 -14.34
N ASN B 230 31.55 -3.72 -13.15
CA ASN B 230 32.94 -4.17 -12.98
C ASN B 230 33.20 -5.69 -13.18
N ASN B 231 34.49 -6.08 -13.18
CA ASN B 231 34.93 -7.47 -13.48
C ASN B 231 35.19 -8.35 -12.25
N ASP B 283 15.95 19.67 5.04
CA ASP B 283 17.01 19.79 6.09
C ASP B 283 17.21 18.52 6.91
N ASP B 284 18.42 18.39 7.47
CA ASP B 284 18.95 17.13 8.06
C ASP B 284 18.31 16.61 9.37
N GLU B 285 17.58 17.48 10.10
CA GLU B 285 16.95 17.07 11.37
C GLU B 285 15.84 16.05 11.16
N GLU B 286 15.11 16.19 10.04
CA GLU B 286 14.03 15.28 9.65
C GLU B 286 14.53 13.93 9.11
N GLU B 287 15.79 13.90 8.67
CA GLU B 287 16.49 12.63 8.38
C GLU B 287 16.85 11.86 9.67
N ASP B 288 17.07 12.59 10.76
CA ASP B 288 17.24 11.98 12.10
C ASP B 288 15.91 11.55 12.73
N ASP B 289 14.89 12.40 12.58
CA ASP B 289 13.52 12.11 12.99
C ASP B 289 12.97 10.78 12.40
N PHE B 290 13.45 10.42 11.22
CA PHE B 290 13.11 9.16 10.57
C PHE B 290 13.76 7.98 11.31
N VAL B 291 15.04 8.12 11.65
CA VAL B 291 15.77 7.10 12.41
C VAL B 291 15.15 6.92 13.81
N TYR B 292 14.64 8.01 14.40
CA TYR B 292 13.98 7.93 15.72
C TYR B 292 12.67 7.14 15.66
N PHE B 293 11.83 7.41 14.65
CA PHE B 293 10.57 6.68 14.52
C PHE B 293 10.74 5.17 14.27
N ASN B 294 11.94 4.80 13.80
CA ASN B 294 12.33 3.41 13.56
C ASN B 294 13.09 2.72 14.68
N PHE B 295 13.05 3.32 15.87
CA PHE B 295 13.73 2.79 17.06
C PHE B 295 13.39 1.34 17.40
N ASN B 296 12.12 0.95 17.28
CA ASN B 296 11.63 -0.40 17.64
C ASN B 296 11.63 -1.47 16.52
N LYS B 297 12.11 -1.09 15.33
CA LYS B 297 12.12 -1.99 14.17
C LYS B 297 13.12 -3.16 14.31
N GLU B 298 12.75 -4.28 13.70
CA GLU B 298 13.43 -5.56 13.85
C GLU B 298 14.83 -5.55 13.24
N LYS B 299 15.77 -6.27 13.86
CA LYS B 299 17.16 -6.39 13.36
C LYS B 299 17.43 -7.62 12.46
N GLU B 300 16.48 -8.55 12.43
CA GLU B 300 16.49 -9.75 11.55
C GLU B 300 15.08 -10.36 11.53
N GLU B 301 14.66 -10.89 10.38
CA GLU B 301 13.35 -11.55 10.23
C GLU B 301 13.34 -13.06 10.61
N LYS B 302 12.15 -13.60 10.88
CA LYS B 302 11.94 -15.01 11.34
C LYS B 302 12.36 -16.09 10.32
N ASN B 303 12.05 -15.88 9.03
CA ASN B 303 12.50 -16.77 7.94
C ASN B 303 13.97 -16.52 7.54
N LYS B 304 14.87 -16.80 8.48
CA LYS B 304 16.31 -16.83 8.23
C LYS B 304 16.95 -18.21 8.46
N ASN B 305 16.09 -19.19 8.76
CA ASN B 305 16.39 -20.62 8.63
C ASN B 305 15.89 -21.14 7.26
N SER B 306 15.22 -20.25 6.52
CA SER B 306 14.68 -20.52 5.19
C SER B 306 15.57 -19.96 4.07
N ILE B 307 15.96 -18.68 4.22
CA ILE B 307 16.60 -17.90 3.16
C ILE B 307 18.07 -17.51 3.42
N HIS B 308 18.91 -17.71 2.40
CA HIS B 308 20.31 -17.26 2.37
C HIS B 308 20.36 -15.81 1.83
N PRO B 309 21.43 -15.03 2.16
CA PRO B 309 21.54 -13.65 1.65
C PRO B 309 21.41 -13.50 0.10
N ASN B 310 21.98 -14.47 -0.62
CA ASN B 310 22.17 -14.37 -2.07
C ASN B 310 21.10 -15.03 -2.97
N ASP B 311 20.04 -15.58 -2.35
CA ASP B 311 18.97 -16.25 -3.12
C ASP B 311 18.29 -15.29 -4.07
N PHE B 312 18.23 -14.02 -3.67
CA PHE B 312 17.55 -12.99 -4.44
C PHE B 312 18.48 -11.90 -4.96
N GLN B 313 19.67 -12.28 -5.39
CA GLN B 313 20.68 -11.34 -5.92
C GLN B 313 20.10 -10.42 -7.02
N ILE B 314 19.55 -10.99 -8.10
CA ILE B 314 19.02 -10.15 -9.20
C ILE B 314 17.75 -9.32 -8.83
N TYR B 315 16.88 -9.89 -8.00
CA TYR B 315 15.69 -9.21 -7.51
C TYR B 315 16.09 -7.99 -6.67
N ASN B 316 17.04 -8.19 -5.77
CA ASN B 316 17.51 -7.08 -4.97
C ASN B 316 18.45 -6.10 -5.67
N SER B 317 19.11 -6.53 -6.76
CA SER B 317 19.99 -5.65 -7.53
C SER B 317 19.25 -4.52 -8.26
N LEU B 318 17.92 -4.58 -8.24
CA LEU B 318 17.14 -3.58 -8.94
C LEU B 318 16.79 -2.39 -8.07
N LYS B 319 16.92 -1.20 -8.65
CA LYS B 319 16.67 0.03 -7.93
C LYS B 319 15.18 0.41 -7.98
N TYR B 320 14.68 0.69 -9.18
CA TYR B 320 13.25 0.92 -9.34
C TYR B 320 12.57 -0.23 -10.05
N LYS B 321 11.66 -0.90 -9.34
CA LYS B 321 10.85 -1.99 -9.90
C LYS B 321 9.39 -1.55 -10.05
N TYR B 322 9.09 -0.80 -11.13
CA TYR B 322 7.75 -0.23 -11.34
C TYR B 322 6.77 -1.04 -12.22
N HIS B 323 7.31 -2.07 -12.88
CA HIS B 323 6.53 -3.02 -13.67
C HIS B 323 5.43 -3.63 -12.76
N PRO B 324 4.20 -3.71 -13.28
CA PRO B 324 3.09 -4.13 -12.41
C PRO B 324 3.19 -5.59 -11.98
N GLU B 325 3.93 -6.40 -12.75
CA GLU B 325 4.30 -7.76 -12.32
C GLU B 325 4.97 -7.82 -10.94
N TYR B 326 5.75 -6.81 -10.58
CA TYR B 326 6.36 -6.75 -9.23
C TYR B 326 5.35 -6.76 -8.09
N GLN B 327 4.15 -6.22 -8.33
CA GLN B 327 3.04 -6.37 -7.41
C GLN B 327 2.76 -7.83 -7.06
N TYR B 328 2.95 -8.73 -8.03
CA TYR B 328 2.88 -10.17 -7.79
C TYR B 328 4.19 -10.73 -7.18
N LEU B 329 5.34 -10.35 -7.74
CA LEU B 329 6.66 -10.81 -7.20
C LEU B 329 7.00 -10.30 -5.78
N ASN B 330 6.59 -9.07 -5.46
CA ASN B 330 6.81 -8.50 -4.13
C ASN B 330 5.98 -9.15 -3.05
N ILE B 331 4.80 -9.67 -3.41
CA ILE B 331 4.00 -10.45 -2.48
C ILE B 331 4.72 -11.78 -2.17
N ILE B 332 5.27 -12.43 -3.21
CA ILE B 332 6.01 -13.68 -3.03
C ILE B 332 7.29 -13.47 -2.24
N TYR B 333 8.04 -12.41 -2.58
CA TYR B 333 9.16 -12.02 -1.75
C TYR B 333 8.71 -11.88 -0.30
N ASP B 334 7.66 -11.09 -0.05
CA ASP B 334 7.15 -10.83 1.30
C ASP B 334 6.86 -12.09 2.09
N ILE B 335 6.29 -13.10 1.44
CA ILE B 335 5.88 -14.35 2.09
C ILE B 335 7.11 -15.16 2.44
N MET B 336 7.96 -15.35 1.45
CA MET B 336 9.22 -16.04 1.68
C MET B 336 10.07 -15.44 2.78
N MET B 337 10.06 -14.11 2.90
CA MET B 337 10.83 -13.43 3.96
C MET B 337 10.10 -13.35 5.31
N ASN B 338 8.80 -13.06 5.32
CA ASN B 338 8.08 -12.64 6.54
C ASN B 338 6.93 -13.59 6.92
N GLY B 339 6.75 -14.64 6.11
CA GLY B 339 5.58 -15.52 6.21
C GLY B 339 5.68 -16.52 7.33
N ASN B 340 4.59 -17.26 7.52
CA ASN B 340 4.43 -18.13 8.66
C ASN B 340 4.39 -19.57 8.26
N LYS B 341 5.16 -20.37 8.98
CA LYS B 341 5.28 -21.80 8.72
C LYS B 341 4.02 -22.43 9.24
N GLN B 342 3.29 -23.04 8.32
CA GLN B 342 1.99 -23.66 8.65
C GLN B 342 1.75 -24.94 7.89
N SER B 343 0.99 -25.82 8.51
CA SER B 343 0.41 -26.94 7.81
C SER B 343 -0.84 -26.48 7.05
N ASP B 344 -1.35 -27.38 6.24
CA ASP B 344 -2.55 -27.11 5.49
C ASP B 344 -3.19 -28.44 5.17
N ARG B 345 -4.41 -28.35 4.61
CA ARG B 345 -5.18 -29.49 4.12
C ARG B 345 -4.40 -30.51 3.23
N THR B 346 -3.57 -30.02 2.29
CA THR B 346 -2.83 -30.90 1.36
C THR B 346 -1.71 -31.71 2.03
N GLY B 347 -1.21 -31.22 3.17
CA GLY B 347 -0.07 -31.80 3.89
C GLY B 347 1.32 -31.30 3.48
N VAL B 348 1.42 -30.61 2.35
CA VAL B 348 2.71 -30.15 1.81
C VAL B 348 3.35 -29.10 2.73
N GLY B 349 2.51 -28.24 3.33
CA GLY B 349 2.97 -27.14 4.16
C GLY B 349 3.27 -25.90 3.33
N VAL B 350 3.10 -24.75 3.97
CA VAL B 350 3.17 -23.46 3.28
C VAL B 350 3.95 -22.49 4.10
N LEU B 351 4.27 -21.38 3.46
CA LEU B 351 4.56 -20.14 4.14
C LEU B 351 3.37 -19.29 3.77
N SER B 352 2.75 -18.67 4.76
CA SER B 352 1.53 -17.92 4.52
C SER B 352 1.54 -16.55 5.15
N LYS B 353 0.85 -15.59 4.52
CA LYS B 353 0.45 -14.33 5.13
C LYS B 353 -1.01 -14.06 4.78
N PHE B 354 -1.57 -13.02 5.36
CA PHE B 354 -3.00 -12.78 5.34
C PHE B 354 -3.30 -11.34 4.92
N GLY B 355 -3.86 -11.16 3.73
CA GLY B 355 -4.37 -9.87 3.30
C GLY B 355 -3.44 -9.00 2.47
N TYR B 356 -3.65 -9.01 1.17
CA TYR B 356 -2.92 -8.22 0.19
C TYR B 356 -3.91 -7.69 -0.81
N ILE B 357 -3.51 -6.62 -1.49
CA ILE B 357 -4.31 -6.07 -2.57
C ILE B 357 -3.38 -5.83 -3.78
N MET B 358 -3.81 -6.24 -4.98
CA MET B 358 -3.05 -5.95 -6.21
C MET B 358 -4.02 -5.24 -7.10
N LYS B 359 -3.52 -4.30 -7.90
CA LYS B 359 -4.31 -3.56 -8.90
C LYS B 359 -3.62 -3.62 -10.25
N PHE B 360 -4.39 -3.89 -11.29
CA PHE B 360 -3.84 -3.95 -12.64
C PHE B 360 -4.65 -3.02 -13.50
N ASP B 361 -3.96 -2.18 -14.27
CA ASP B 361 -4.63 -1.21 -15.13
C ASP B 361 -4.83 -1.82 -16.51
N LEU B 362 -6.04 -2.35 -16.70
CA LEU B 362 -6.44 -3.06 -17.92
C LEU B 362 -6.49 -2.20 -19.16
N SER B 363 -6.57 -0.87 -18.96
CA SER B 363 -6.52 0.10 -20.09
C SER B 363 -5.09 0.22 -20.66
N GLN B 364 -4.09 -0.18 -19.90
CA GLN B 364 -2.70 0.00 -20.32
C GLN B 364 -2.03 -1.29 -20.79
N TYR B 365 -2.51 -2.45 -20.33
CA TYR B 365 -1.89 -3.77 -20.61
C TYR B 365 -2.82 -4.93 -20.22
N PHE B 366 -2.43 -6.12 -20.63
CA PHE B 366 -3.03 -7.33 -20.11
C PHE B 366 -2.04 -7.99 -19.18
N PRO B 367 -2.40 -8.10 -17.90
CA PRO B 367 -1.53 -8.63 -16.86
C PRO B 367 -1.23 -10.17 -16.92
N LEU B 368 -0.74 -10.67 -18.06
CA LEU B 368 -0.32 -12.07 -18.13
C LEU B 368 1.15 -12.16 -17.78
N LEU B 369 1.46 -12.88 -16.70
CA LEU B 369 2.84 -12.98 -16.21
C LEU B 369 3.86 -13.36 -17.27
N THR B 370 5.02 -12.69 -17.20
CA THR B 370 6.05 -12.83 -18.23
C THR B 370 7.30 -13.47 -17.69
N THR B 371 7.40 -13.60 -16.37
CA THR B 371 8.57 -14.23 -15.77
C THR B 371 8.54 -15.75 -15.83
N LYS B 372 7.43 -16.29 -16.35
CA LYS B 372 7.25 -17.71 -16.69
C LYS B 372 6.25 -17.84 -17.82
N LYS B 373 6.18 -19.00 -18.46
CA LYS B 373 5.24 -19.21 -19.57
C LYS B 373 3.85 -19.59 -19.06
N LEU B 374 2.83 -18.86 -19.51
CA LEU B 374 1.44 -19.20 -19.21
C LEU B 374 0.61 -19.38 -20.47
N PHE B 375 -0.31 -20.34 -20.43
CA PHE B 375 -1.26 -20.64 -21.51
C PHE B 375 -2.68 -20.24 -21.11
N LEU B 376 -3.47 -19.81 -22.09
CA LEU B 376 -4.80 -19.31 -21.78
C LEU B 376 -6.04 -20.15 -22.21
N ARG B 377 -5.90 -21.07 -23.18
CA ARG B 377 -7.08 -21.73 -23.73
C ARG B 377 -7.97 -22.37 -22.61
N GLY B 378 -7.33 -23.14 -21.72
CA GLY B 378 -7.96 -23.82 -20.59
C GLY B 378 -8.79 -22.89 -19.73
N ILE B 379 -8.20 -21.77 -19.30
CA ILE B 379 -8.91 -20.86 -18.40
C ILE B 379 -10.04 -20.12 -19.11
N ILE B 380 -9.91 -19.89 -20.42
CA ILE B 380 -11.01 -19.29 -21.22
C ILE B 380 -12.19 -20.26 -21.41
N GLU B 381 -11.87 -21.52 -21.70
CA GLU B 381 -12.88 -22.58 -21.73
C GLU B 381 -13.61 -22.67 -20.40
N GLU B 382 -12.87 -22.63 -19.30
CA GLU B 382 -13.44 -22.69 -17.95
C GLU B 382 -14.41 -21.52 -17.68
N LEU B 383 -13.99 -20.33 -18.10
CA LEU B 383 -14.77 -19.12 -17.98
C LEU B 383 -16.11 -19.21 -18.74
N LEU B 384 -16.06 -19.80 -19.94
CA LEU B 384 -17.25 -19.90 -20.78
C LEU B 384 -18.23 -20.98 -20.28
N TRP B 385 -17.64 -22.06 -19.76
CA TRP B 385 -18.34 -23.11 -19.01
C TRP B 385 -19.04 -22.58 -17.74
N PHE B 386 -18.39 -21.71 -16.95
CA PHE B 386 -19.05 -21.01 -15.83
C PHE B 386 -20.30 -20.24 -16.35
N ILE B 387 -20.09 -19.40 -17.39
CA ILE B 387 -21.14 -18.56 -17.96
C ILE B 387 -22.37 -19.39 -18.45
N ARG B 388 -22.13 -20.58 -19.01
CA ARG B 388 -23.20 -21.50 -19.39
C ARG B 388 -24.03 -22.02 -18.22
N GLY B 389 -23.48 -21.98 -17.00
CA GLY B 389 -24.21 -22.50 -15.81
C GLY B 389 -23.90 -23.95 -15.52
N GLU B 390 -22.87 -24.46 -16.19
CA GLU B 390 -22.52 -25.87 -16.17
C GLU B 390 -21.85 -26.29 -14.86
N THR B 391 -21.96 -27.59 -14.56
CA THR B 391 -21.26 -28.22 -13.46
C THR B 391 -20.68 -29.57 -13.94
N ASN B 392 -20.83 -29.84 -15.24
CA ASN B 392 -20.36 -31.10 -15.86
C ASN B 392 -18.87 -31.09 -16.16
N GLY B 393 -18.11 -31.81 -15.35
CA GLY B 393 -16.66 -31.95 -15.59
C GLY B 393 -16.27 -32.49 -16.95
N ASN B 394 -17.12 -33.31 -17.58
CA ASN B 394 -16.80 -33.96 -18.85
C ASN B 394 -16.66 -33.01 -20.04
N THR B 395 -17.57 -32.02 -20.16
CA THR B 395 -17.49 -30.94 -21.19
C THR B 395 -16.07 -30.38 -21.29
N LEU B 396 -15.47 -30.07 -20.14
CA LEU B 396 -14.09 -29.66 -20.05
C LEU B 396 -13.12 -30.75 -20.46
N LEU B 397 -13.23 -31.94 -19.84
CA LEU B 397 -12.32 -33.10 -20.20
C LEU B 397 -12.25 -33.44 -21.69
N ASN B 398 -13.40 -33.36 -22.38
CA ASN B 398 -13.50 -33.56 -23.83
C ASN B 398 -12.94 -32.45 -24.71
N LYS B 399 -12.60 -31.33 -24.07
CA LYS B 399 -11.85 -30.28 -24.73
C LYS B 399 -10.38 -30.26 -24.31
N ASN B 400 -9.99 -31.22 -23.46
CA ASN B 400 -8.60 -31.41 -23.00
C ASN B 400 -8.14 -30.30 -22.01
N VAL B 401 -9.13 -29.69 -21.38
CA VAL B 401 -8.96 -28.78 -20.25
C VAL B 401 -9.11 -29.65 -19.01
N ARG B 402 -8.02 -29.82 -18.27
CA ARG B 402 -7.98 -30.75 -17.14
C ARG B 402 -7.92 -30.04 -15.78
N ILE B 403 -8.32 -28.77 -15.77
CA ILE B 403 -8.41 -27.95 -14.57
C ILE B 403 -9.23 -28.63 -13.46
N TRP B 404 -10.37 -29.23 -13.80
CA TRP B 404 -11.25 -29.78 -12.78
C TRP B 404 -11.17 -31.29 -12.65
N GLU B 405 -10.27 -31.91 -13.41
CA GLU B 405 -10.09 -33.37 -13.40
C GLU B 405 -9.92 -33.94 -11.98
N ALA B 406 -8.83 -33.60 -11.30
CA ALA B 406 -8.57 -34.13 -9.97
C ALA B 406 -9.78 -33.98 -9.04
N ASN B 407 -10.51 -32.85 -9.15
CA ASN B 407 -11.69 -32.54 -8.29
C ASN B 407 -12.95 -33.38 -8.55
N GLY B 408 -12.96 -34.15 -9.62
CA GLY B 408 -14.13 -34.93 -9.98
C GLY B 408 -13.98 -36.45 -9.91
N THR B 409 -12.82 -36.96 -9.48
CA THR B 409 -12.56 -38.40 -9.49
C THR B 409 -13.43 -39.12 -8.46
N ARG B 410 -13.59 -40.43 -8.65
CA ARG B 410 -14.23 -41.29 -7.64
C ARG B 410 -13.59 -41.13 -6.25
N GLU B 411 -12.25 -41.13 -6.17
CA GLU B 411 -11.53 -41.04 -4.89
C GLU B 411 -11.80 -39.71 -4.22
N PHE B 412 -11.70 -38.64 -5.01
CA PHE B 412 -11.92 -37.28 -4.51
C PHE B 412 -13.34 -37.05 -4.02
N LEU B 413 -14.30 -37.42 -4.85
CA LEU B 413 -15.69 -37.22 -4.48
C LEU B 413 -16.02 -38.02 -3.22
N ASP B 414 -15.42 -39.20 -3.07
CA ASP B 414 -15.61 -40.01 -1.87
C ASP B 414 -14.99 -39.40 -0.59
N ASN B 415 -13.78 -38.84 -0.68
CA ASN B 415 -13.19 -38.06 0.43
C ASN B 415 -14.05 -36.87 0.87
N ARG B 416 -14.82 -36.29 -0.05
CA ARG B 416 -15.83 -35.28 0.27
C ARG B 416 -17.16 -35.87 0.79
N LYS B 417 -17.28 -37.19 0.84
CA LYS B 417 -18.49 -37.94 1.30
C LYS B 417 -19.68 -37.71 0.35
N LEU B 418 -19.35 -37.41 -0.89
CA LEU B 418 -20.31 -37.27 -1.95
C LEU B 418 -20.37 -38.65 -2.63
N PHE B 419 -20.81 -39.63 -1.83
CA PHE B 419 -20.76 -41.05 -2.22
C PHE B 419 -21.66 -41.33 -3.40
N HIS B 420 -22.72 -40.52 -3.51
CA HIS B 420 -23.80 -40.69 -4.49
C HIS B 420 -23.72 -39.75 -5.67
N ARG B 421 -22.52 -39.25 -5.93
CA ARG B 421 -22.30 -38.29 -6.99
C ARG B 421 -21.51 -38.96 -8.13
N GLU B 422 -21.99 -38.78 -9.35
CA GLU B 422 -21.32 -39.28 -10.54
C GLU B 422 -19.95 -38.62 -10.70
N VAL B 423 -18.97 -39.42 -11.14
CA VAL B 423 -17.63 -38.95 -11.46
C VAL B 423 -17.76 -37.69 -12.34
N ASN B 424 -16.95 -36.66 -12.04
CA ASN B 424 -17.00 -35.36 -12.74
C ASN B 424 -18.31 -34.55 -12.59
N ASP B 425 -19.24 -35.01 -11.76
CA ASP B 425 -20.32 -34.15 -11.32
C ASP B 425 -19.87 -33.35 -10.11
N LEU B 426 -19.54 -32.08 -10.35
CA LEU B 426 -18.83 -31.28 -9.37
C LEU B 426 -19.80 -30.62 -8.41
N GLY B 427 -21.10 -30.89 -8.57
CA GLY B 427 -22.12 -30.27 -7.73
C GLY B 427 -22.30 -28.79 -8.04
N PRO B 428 -22.97 -28.03 -7.13
CA PRO B 428 -23.36 -26.64 -7.41
C PRO B 428 -22.22 -25.62 -7.16
N ILE B 429 -21.17 -25.73 -7.99
CA ILE B 429 -20.00 -24.81 -8.04
C ILE B 429 -20.31 -23.49 -8.75
N TYR B 430 -19.26 -22.76 -9.16
CA TYR B 430 -19.33 -21.38 -9.63
C TYR B 430 -20.45 -21.16 -10.64
N GLY B 431 -20.39 -21.89 -11.77
CA GLY B 431 -21.39 -21.82 -12.84
C GLY B 431 -22.82 -21.86 -12.34
N PHE B 432 -23.09 -22.84 -11.47
CA PHE B 432 -24.43 -23.04 -10.92
C PHE B 432 -24.84 -21.84 -10.05
N GLN B 433 -23.89 -21.29 -9.30
CA GLN B 433 -24.20 -20.19 -8.40
C GLN B 433 -24.38 -18.86 -9.15
N TRP B 434 -23.59 -18.66 -10.20
CA TRP B 434 -23.72 -17.50 -11.07
C TRP B 434 -25.09 -17.47 -11.77
N ARG B 435 -25.60 -18.65 -12.18
CA ARG B 435 -26.88 -18.73 -12.89
C ARG B 435 -28.10 -19.24 -12.12
N HIS B 436 -27.93 -19.94 -10.99
CA HIS B 436 -29.09 -20.57 -10.29
C HIS B 436 -28.98 -20.54 -8.74
N PHE B 437 -28.46 -19.46 -8.17
CA PHE B 437 -28.17 -19.40 -6.73
C PHE B 437 -29.46 -19.73 -5.97
N GLY B 438 -29.37 -20.65 -5.02
CA GLY B 438 -30.51 -20.97 -4.22
C GLY B 438 -31.39 -22.10 -4.73
N ALA B 439 -31.25 -22.50 -6.01
CA ALA B 439 -32.00 -23.63 -6.55
C ALA B 439 -31.46 -24.92 -5.92
N GLU B 440 -32.34 -25.93 -5.75
CA GLU B 440 -31.91 -27.30 -5.32
C GLU B 440 -31.04 -27.93 -6.38
N TYR B 441 -29.87 -28.39 -6.01
CA TYR B 441 -29.05 -29.16 -6.94
C TYR B 441 -29.49 -30.62 -6.96
N THR B 442 -29.54 -31.19 -8.16
CA THR B 442 -29.87 -32.60 -8.32
C THR B 442 -28.67 -33.35 -8.90
N ASN B 443 -28.52 -33.29 -10.22
CA ASN B 443 -27.31 -33.74 -10.88
C ASN B 443 -26.94 -32.76 -12.00
N MET B 444 -25.81 -33.00 -12.64
CA MET B 444 -25.27 -32.17 -13.74
C MET B 444 -26.10 -32.12 -15.02
N TYR B 445 -27.08 -33.00 -15.14
CA TYR B 445 -27.83 -33.12 -16.38
C TYR B 445 -29.21 -32.55 -16.25
N ASP B 446 -29.56 -32.09 -15.06
CA ASP B 446 -30.93 -31.65 -14.84
C ASP B 446 -31.25 -30.32 -15.53
N ASN B 447 -32.53 -30.09 -15.79
CA ASN B 447 -32.93 -28.83 -16.35
C ASN B 447 -33.07 -27.84 -15.22
N TYR B 448 -32.28 -26.78 -15.26
CA TYR B 448 -32.34 -25.74 -14.23
C TYR B 448 -32.91 -24.37 -14.71
N GLU B 449 -33.09 -24.25 -16.02
CA GLU B 449 -33.72 -23.09 -16.68
C GLU B 449 -34.82 -22.46 -15.80
N ASN B 450 -34.64 -21.16 -15.54
CA ASN B 450 -35.50 -20.35 -14.65
C ASN B 450 -35.43 -20.62 -13.16
N LYS B 451 -34.60 -21.57 -12.74
CA LYS B 451 -34.53 -21.94 -11.31
C LYS B 451 -33.40 -21.20 -10.58
N GLY B 452 -33.70 -20.61 -9.42
CA GLY B 452 -32.74 -19.83 -8.64
C GLY B 452 -32.41 -18.45 -9.24
N VAL B 453 -31.51 -17.72 -8.57
CA VAL B 453 -31.18 -16.33 -8.92
C VAL B 453 -30.03 -16.29 -9.92
N ASP B 454 -30.30 -15.70 -11.08
CA ASP B 454 -29.36 -15.60 -12.17
C ASP B 454 -28.58 -14.30 -11.93
N GLN B 455 -27.53 -14.41 -11.12
CA GLN B 455 -26.72 -13.29 -10.68
C GLN B 455 -26.09 -12.58 -11.86
N LEU B 456 -25.61 -13.36 -12.82
CA LEU B 456 -24.89 -12.84 -13.96
C LEU B 456 -25.77 -11.86 -14.74
N LYS B 457 -26.94 -12.33 -15.15
CA LYS B 457 -27.94 -11.48 -15.79
C LYS B 457 -28.23 -10.25 -14.92
N ASN B 458 -28.39 -10.46 -13.60
CA ASN B 458 -28.64 -9.37 -12.66
C ASN B 458 -27.53 -8.30 -12.62
N ILE B 459 -26.26 -8.71 -12.52
CA ILE B 459 -25.16 -7.72 -12.53
C ILE B 459 -25.06 -6.98 -13.90
N ILE B 460 -25.32 -7.69 -14.99
CA ILE B 460 -25.31 -7.03 -16.28
C ILE B 460 -26.43 -5.97 -16.42
N ASN B 461 -27.64 -6.29 -15.93
CA ASN B 461 -28.71 -5.30 -15.99
C ASN B 461 -28.39 -4.08 -15.13
N LEU B 462 -27.76 -4.31 -13.97
CA LEU B 462 -27.31 -3.24 -13.07
C LEU B 462 -26.27 -2.34 -13.72
N ILE B 463 -25.29 -2.95 -14.35
CA ILE B 463 -24.15 -2.22 -14.87
C ILE B 463 -24.59 -1.31 -15.99
N LYS B 464 -25.61 -1.75 -16.73
CA LYS B 464 -26.20 -0.99 -17.83
C LYS B 464 -27.16 0.08 -17.30
N ASN B 465 -28.12 -0.32 -16.48
CA ASN B 465 -29.27 0.51 -16.10
C ASN B 465 -29.14 1.32 -14.81
N ASP B 466 -28.23 0.89 -13.93
CA ASP B 466 -27.99 1.57 -12.66
C ASP B 466 -26.50 1.53 -12.24
N PRO B 467 -25.63 2.16 -13.06
CA PRO B 467 -24.16 2.08 -12.88
C PRO B 467 -23.60 2.54 -11.55
N THR B 468 -24.31 3.44 -10.85
CA THR B 468 -23.88 4.02 -9.59
C THR B 468 -24.34 3.18 -8.37
N SER B 469 -24.91 2.02 -8.63
CA SER B 469 -25.34 1.08 -7.59
C SER B 469 -24.13 0.53 -6.87
N ARG B 470 -24.24 0.34 -5.56
CA ARG B 470 -23.14 -0.21 -4.79
C ARG B 470 -23.39 -1.69 -4.46
N ARG B 471 -24.24 -2.34 -5.28
CA ARG B 471 -24.82 -3.66 -4.97
C ARG B 471 -24.50 -4.60 -6.11
N ILE B 472 -23.65 -4.16 -7.02
CA ILE B 472 -23.31 -4.94 -8.19
C ILE B 472 -22.27 -6.00 -7.78
N LEU B 473 -22.77 -7.13 -7.28
CA LEU B 473 -21.89 -8.21 -6.76
C LEU B 473 -22.22 -9.58 -7.32
N LEU B 474 -21.24 -10.35 -7.72
CA LEU B 474 -21.43 -11.77 -8.19
C LEU B 474 -20.82 -12.66 -7.11
N CYS B 475 -21.61 -13.42 -6.35
CA CYS B 475 -21.09 -14.24 -5.22
C CYS B 475 -21.16 -15.73 -5.47
N ALA B 476 -20.10 -16.47 -5.18
CA ALA B 476 -20.11 -17.93 -5.40
C ALA B 476 -20.12 -18.69 -4.07
N TRP B 477 -19.84 -17.98 -2.99
CA TRP B 477 -19.83 -18.57 -1.68
C TRP B 477 -21.24 -18.72 -1.11
N ASN B 478 -21.93 -19.78 -1.54
CA ASN B 478 -23.28 -20.10 -1.08
C ASN B 478 -23.14 -21.07 0.10
N VAL B 479 -23.35 -20.56 1.31
CA VAL B 479 -23.14 -21.31 2.54
C VAL B 479 -23.97 -22.61 2.56
N LYS B 480 -25.22 -22.52 2.13
CA LYS B 480 -26.11 -23.67 2.09
C LYS B 480 -25.53 -24.85 1.33
N ASP B 481 -24.87 -24.54 0.20
CA ASP B 481 -24.44 -25.51 -0.80
C ASP B 481 -22.99 -25.95 -0.66
N LEU B 482 -22.26 -25.36 0.27
CA LEU B 482 -20.82 -25.58 0.31
C LEU B 482 -20.47 -27.09 0.30
N ASP B 483 -21.06 -27.83 1.24
CA ASP B 483 -20.80 -29.28 1.37
C ASP B 483 -21.13 -30.15 0.17
N GLN B 484 -22.01 -29.67 -0.71
CA GLN B 484 -22.35 -30.39 -1.94
C GLN B 484 -21.38 -30.14 -3.10
N MET B 485 -20.56 -29.10 -2.97
CA MET B 485 -19.59 -28.76 -3.99
C MET B 485 -18.42 -29.70 -3.85
N ALA B 486 -17.88 -30.15 -4.98
CA ALA B 486 -16.65 -30.95 -4.99
C ALA B 486 -15.61 -30.29 -4.08
N LEU B 487 -15.43 -28.98 -4.23
CA LEU B 487 -14.72 -28.18 -3.24
C LEU B 487 -15.29 -26.76 -3.13
N PRO B 488 -15.19 -26.11 -1.95
CA PRO B 488 -15.75 -24.75 -1.82
C PRO B 488 -15.00 -23.74 -2.68
N PRO B 489 -15.65 -22.64 -3.08
CA PRO B 489 -14.95 -21.77 -4.02
C PRO B 489 -13.79 -20.94 -3.40
N CYS B 490 -12.72 -20.73 -4.19
CA CYS B 490 -11.62 -19.84 -3.79
C CYS B 490 -11.89 -18.37 -4.08
N HIS B 491 -12.54 -18.10 -5.20
CA HIS B 491 -12.88 -16.74 -5.62
C HIS B 491 -14.26 -16.52 -5.14
N ILE B 492 -14.30 -15.91 -3.98
CA ILE B 492 -15.51 -15.74 -3.20
C ILE B 492 -16.49 -14.93 -4.02
N LEU B 493 -16.07 -13.76 -4.45
CA LEU B 493 -16.95 -12.83 -5.13
C LEU B 493 -16.20 -11.82 -6.01
N CYS B 494 -16.92 -11.23 -6.97
CA CYS B 494 -16.53 -9.93 -7.48
C CYS B 494 -17.56 -8.81 -7.42
N GLN B 495 -17.04 -7.61 -7.23
CA GLN B 495 -17.81 -6.40 -7.16
C GLN B 495 -17.38 -5.52 -8.33
N PHE B 496 -18.38 -4.89 -8.96
CA PHE B 496 -18.15 -4.06 -10.12
C PHE B 496 -18.36 -2.61 -9.76
N TYR B 497 -17.75 -1.75 -10.56
CA TYR B 497 -17.77 -0.29 -10.36
C TYR B 497 -17.66 0.41 -11.70
N VAL B 498 -18.52 1.41 -11.88
CA VAL B 498 -18.63 2.11 -13.15
C VAL B 498 -18.57 3.60 -12.88
N PHE B 499 -17.71 4.28 -13.65
CA PHE B 499 -17.59 5.74 -13.67
C PHE B 499 -17.04 6.18 -15.03
N ASP B 500 -17.62 7.25 -15.61
CA ASP B 500 -17.11 7.87 -16.86
C ASP B 500 -16.88 6.85 -18.04
N GLY B 501 -17.79 5.88 -18.17
CA GLY B 501 -17.77 4.92 -19.27
C GLY B 501 -16.77 3.79 -19.08
N LYS B 502 -16.37 3.56 -17.83
CA LYS B 502 -15.29 2.64 -17.51
C LYS B 502 -15.68 1.70 -16.38
N LEU B 503 -15.32 0.43 -16.53
CA LEU B 503 -15.66 -0.62 -15.60
C LEU B 503 -14.44 -1.08 -14.83
N SER B 504 -14.52 -1.02 -13.51
CA SER B 504 -13.56 -1.75 -12.67
C SER B 504 -14.25 -2.90 -11.93
N CYS B 505 -13.43 -3.87 -11.53
CA CYS B 505 -13.83 -5.08 -10.86
C CYS B 505 -12.92 -5.39 -9.69
N ILE B 506 -13.50 -5.60 -8.52
CA ILE B 506 -12.77 -6.22 -7.41
C ILE B 506 -13.11 -7.70 -7.28
N MET B 507 -12.08 -8.55 -7.17
CA MET B 507 -12.31 -9.95 -6.84
C MET B 507 -11.63 -10.29 -5.52
N TYR B 508 -12.43 -10.74 -4.56
CA TYR B 508 -11.94 -11.28 -3.31
C TYR B 508 -11.67 -12.78 -3.37
N GLN B 509 -10.43 -13.16 -3.09
CA GLN B 509 -10.02 -14.53 -3.17
C GLN B 509 -9.58 -15.04 -1.79
N ARG B 510 -10.28 -16.04 -1.28
CA ARG B 510 -10.14 -16.47 0.12
C ARG B 510 -8.86 -17.23 0.33
N SER B 511 -8.38 -17.84 -0.74
CA SER B 511 -7.27 -18.76 -0.61
C SER B 511 -6.52 -18.83 -1.91
N CYS B 512 -5.22 -18.59 -1.84
CA CYS B 512 -4.47 -18.19 -3.05
C CYS B 512 -3.18 -18.91 -3.05
N ASP B 513 -3.03 -19.85 -3.98
CA ASP B 513 -1.77 -20.60 -4.19
C ASP B 513 -0.94 -19.70 -5.09
N LEU B 514 -0.01 -18.97 -4.51
CA LEU B 514 0.78 -17.97 -5.21
C LEU B 514 1.68 -18.50 -6.31
N GLY B 515 2.19 -19.71 -6.12
CA GLY B 515 3.07 -20.34 -7.12
C GLY B 515 2.34 -20.85 -8.34
N LEU B 516 1.18 -21.48 -8.13
CA LEU B 516 0.39 -22.08 -9.20
C LEU B 516 -0.92 -21.42 -9.61
N GLY B 517 -1.76 -21.02 -8.67
CA GLY B 517 -3.10 -20.55 -8.99
C GLY B 517 -3.19 -19.07 -9.35
N VAL B 518 -2.55 -18.23 -8.55
CA VAL B 518 -2.70 -16.77 -8.66
C VAL B 518 -2.37 -16.24 -10.08
N PRO B 519 -1.28 -16.74 -10.71
CA PRO B 519 -1.10 -16.33 -12.11
C PRO B 519 -2.33 -16.57 -12.98
N PHE B 520 -2.96 -17.76 -12.93
CA PHE B 520 -4.16 -18.00 -13.77
C PHE B 520 -5.33 -17.12 -13.33
N ASN B 521 -5.51 -16.98 -12.01
CA ASN B 521 -6.61 -16.19 -11.42
C ASN B 521 -6.61 -14.69 -11.85
N ILE B 522 -5.43 -14.05 -11.86
CA ILE B 522 -5.26 -12.70 -12.40
C ILE B 522 -5.78 -12.62 -13.85
N ALA B 523 -5.25 -13.49 -14.71
CA ALA B 523 -5.64 -13.53 -16.13
C ALA B 523 -7.14 -13.73 -16.31
N SER B 524 -7.70 -14.71 -15.60
CA SER B 524 -9.09 -15.10 -15.75
C SER B 524 -10.08 -13.95 -15.42
N TYR B 525 -9.90 -13.28 -14.29
CA TYR B 525 -10.82 -12.24 -13.94
C TYR B 525 -10.56 -10.98 -14.72
N SER B 526 -9.35 -10.86 -15.27
CA SER B 526 -9.02 -9.77 -16.19
C SER B 526 -9.78 -9.96 -17.48
N ILE B 527 -9.65 -11.13 -18.07
CA ILE B 527 -10.49 -11.52 -19.21
C ILE B 527 -11.98 -11.28 -18.90
N PHE B 528 -12.44 -11.72 -17.72
CA PHE B 528 -13.85 -11.63 -17.39
C PHE B 528 -14.33 -10.19 -17.34
N THR B 529 -13.52 -9.32 -16.74
CA THR B 529 -13.74 -7.86 -16.72
C THR B 529 -13.86 -7.22 -18.11
N HIS B 530 -13.06 -7.68 -19.08
CA HIS B 530 -13.15 -7.23 -20.46
C HIS B 530 -14.50 -7.64 -21.04
N MET B 531 -14.86 -8.93 -20.82
CA MET B 531 -16.09 -9.51 -21.38
C MET B 531 -17.32 -8.74 -20.88
N ILE B 532 -17.36 -8.49 -19.57
CA ILE B 532 -18.44 -7.71 -18.97
C ILE B 532 -18.50 -6.28 -19.54
N ALA B 533 -17.35 -5.61 -19.63
CA ALA B 533 -17.29 -4.21 -20.09
C ALA B 533 -17.84 -4.07 -21.51
N GLN B 534 -17.30 -4.89 -22.42
CA GLN B 534 -17.69 -4.90 -23.83
C GLN B 534 -19.17 -5.05 -24.04
N VAL B 535 -19.78 -6.05 -23.39
CA VAL B 535 -21.21 -6.35 -23.60
C VAL B 535 -22.11 -5.34 -22.88
N CYS B 536 -21.48 -4.40 -22.17
CA CYS B 536 -22.20 -3.31 -21.51
C CYS B 536 -21.89 -1.97 -22.14
N ASN B 537 -21.15 -1.95 -23.26
CA ASN B 537 -20.69 -0.67 -23.85
C ASN B 537 -19.79 0.15 -22.92
N LEU B 538 -18.80 -0.50 -22.32
CA LEU B 538 -17.88 0.22 -21.44
C LEU B 538 -16.46 -0.18 -21.74
N GLN B 539 -15.52 0.64 -21.27
CA GLN B 539 -14.09 0.33 -21.36
C GLN B 539 -13.59 -0.25 -20.04
N PRO B 540 -12.79 -1.34 -20.12
CA PRO B 540 -12.19 -1.88 -18.87
C PRO B 540 -11.19 -0.89 -18.22
N ALA B 541 -11.25 -0.76 -16.91
CA ALA B 541 -10.36 0.11 -16.14
C ALA B 541 -9.43 -0.79 -15.28
N GLN B 542 -9.69 -0.93 -13.99
CA GLN B 542 -8.86 -1.72 -13.12
C GLN B 542 -9.47 -3.09 -12.76
N PHE B 543 -8.60 -4.09 -12.68
CA PHE B 543 -8.93 -5.30 -12.00
C PHE B 543 -8.18 -5.23 -10.69
N ILE B 544 -8.93 -5.42 -9.60
CA ILE B 544 -8.40 -5.32 -8.27
C ILE B 544 -8.54 -6.69 -7.62
N HIS B 545 -7.39 -7.26 -7.24
CA HIS B 545 -7.34 -8.60 -6.71
C HIS B 545 -7.01 -8.52 -5.23
N VAL B 546 -7.93 -8.97 -4.40
CA VAL B 546 -7.76 -8.99 -2.95
C VAL B 546 -7.44 -10.41 -2.48
N LEU B 547 -6.37 -10.56 -1.73
CA LEU B 547 -5.91 -11.88 -1.34
C LEU B 547 -6.15 -12.12 0.15
N GLY B 548 -6.88 -13.20 0.46
CA GLY B 548 -7.15 -13.62 1.85
C GLY B 548 -5.93 -14.32 2.41
N ASN B 549 -6.03 -15.63 2.58
CA ASN B 549 -4.91 -16.50 2.92
C ASN B 549 -3.98 -16.62 1.72
N ALA B 550 -2.85 -15.93 1.77
CA ALA B 550 -1.90 -15.91 0.67
C ALA B 550 -0.73 -16.82 1.01
N HIS B 551 -0.53 -17.85 0.19
CA HIS B 551 0.47 -18.86 0.52
C HIS B 551 1.35 -19.31 -0.63
N VAL B 552 2.59 -19.62 -0.25
CA VAL B 552 3.57 -20.28 -1.11
C VAL B 552 3.76 -21.70 -0.58
N TYR B 553 3.46 -22.66 -1.43
CA TYR B 553 3.64 -24.07 -1.05
C TYR B 553 5.14 -24.43 -0.97
N ASN B 554 5.53 -25.16 0.07
CA ASN B 554 6.92 -25.58 0.30
C ASN B 554 7.63 -26.17 -0.90
N ASN B 555 6.91 -26.94 -1.72
CA ASN B 555 7.50 -27.56 -2.90
C ASN B 555 7.63 -26.61 -4.09
N HIS B 556 7.38 -25.32 -3.87
CA HIS B 556 7.43 -24.28 -4.93
C HIS B 556 8.64 -23.33 -4.71
N ILE B 557 9.18 -23.37 -3.49
CA ILE B 557 10.28 -22.50 -3.06
C ILE B 557 11.40 -22.34 -4.09
N ASP B 558 12.03 -23.42 -4.53
CA ASP B 558 13.17 -23.30 -5.44
C ASP B 558 12.77 -22.67 -6.76
N SER B 559 11.57 -23.03 -7.23
CA SER B 559 11.01 -22.50 -8.48
C SER B 559 10.72 -20.97 -8.41
N LEU B 560 10.26 -20.53 -7.24
CA LEU B 560 10.05 -19.13 -6.98
C LEU B 560 11.37 -18.34 -6.83
N LYS B 561 12.38 -18.95 -6.17
CA LYS B 561 13.76 -18.40 -6.16
C LYS B 561 14.31 -18.16 -7.57
N ILE B 562 13.97 -19.04 -8.51
CA ILE B 562 14.35 -18.85 -9.89
C ILE B 562 13.51 -17.79 -10.55
N GLN B 563 12.19 -17.85 -10.38
CA GLN B 563 11.28 -16.88 -11.00
C GLN B 563 11.57 -15.46 -10.55
N LEU B 564 11.65 -15.23 -9.23
CA LEU B 564 11.81 -13.89 -8.68
C LEU B 564 13.05 -13.10 -9.13
N ASN B 565 14.04 -13.82 -9.64
CA ASN B 565 15.28 -13.23 -10.17
C ASN B 565 15.25 -12.95 -11.67
N ARG B 566 14.07 -13.08 -12.27
CA ARG B 566 13.83 -12.80 -13.70
C ARG B 566 13.11 -11.47 -13.85
N ILE B 567 13.44 -10.77 -14.93
CA ILE B 567 13.04 -9.40 -15.09
C ILE B 567 11.86 -9.39 -16.04
N PRO B 568 10.74 -8.79 -15.62
CA PRO B 568 9.55 -8.82 -16.45
C PRO B 568 9.72 -8.17 -17.83
N TYR B 569 8.98 -8.68 -18.81
CA TYR B 569 8.91 -8.10 -20.15
C TYR B 569 7.66 -7.21 -20.23
N PRO B 570 7.68 -6.19 -21.10
CA PRO B 570 6.43 -5.43 -21.22
C PRO B 570 5.27 -6.38 -21.53
N PHE B 571 4.10 -6.10 -20.98
CA PHE B 571 2.96 -7.04 -21.00
C PHE B 571 2.34 -7.15 -22.40
N PRO B 572 1.67 -8.29 -22.71
CA PRO B 572 0.85 -8.40 -23.94
C PRO B 572 -0.44 -7.57 -23.87
N THR B 573 -1.29 -7.67 -24.90
CA THR B 573 -2.68 -7.22 -24.80
C THR B 573 -3.69 -8.32 -25.21
N LEU B 574 -4.97 -8.01 -24.97
CA LEU B 574 -6.05 -8.94 -25.19
C LEU B 574 -7.04 -8.29 -26.16
N LYS B 575 -7.34 -9.01 -27.22
CA LYS B 575 -8.31 -8.52 -28.16
C LYS B 575 -9.53 -9.43 -28.20
N LEU B 576 -10.68 -8.76 -28.08
CA LEU B 576 -11.96 -9.42 -28.17
C LEU B 576 -12.70 -8.99 -29.43
N ASN B 577 -13.31 -9.97 -30.08
CA ASN B 577 -14.22 -9.77 -31.19
C ASN B 577 -15.32 -8.73 -30.86
N PRO B 578 -15.24 -7.51 -31.49
CA PRO B 578 -16.12 -6.39 -31.10
C PRO B 578 -17.57 -6.61 -31.40
N ASP B 579 -17.87 -7.60 -32.27
CA ASP B 579 -19.24 -7.92 -32.68
C ASP B 579 -20.08 -8.60 -31.60
N ILE B 580 -19.42 -9.27 -30.64
CA ILE B 580 -20.10 -9.97 -29.56
C ILE B 580 -20.73 -8.96 -28.57
N LYS B 581 -22.06 -8.97 -28.50
CA LYS B 581 -22.81 -7.99 -27.71
C LYS B 581 -23.51 -8.55 -26.46
N ASN B 582 -23.37 -9.85 -26.21
CA ASN B 582 -23.99 -10.49 -25.07
C ASN B 582 -23.05 -11.48 -24.45
N ILE B 583 -23.05 -11.57 -23.12
CA ILE B 583 -22.14 -12.47 -22.36
C ILE B 583 -22.23 -13.95 -22.78
N GLU B 584 -23.44 -14.39 -23.16
CA GLU B 584 -23.76 -15.75 -23.58
C GLU B 584 -23.16 -16.14 -24.95
N ASP B 585 -22.62 -15.18 -25.69
CA ASP B 585 -22.34 -15.40 -27.12
C ASP B 585 -20.87 -15.66 -27.44
N PHE B 586 -19.99 -15.52 -26.43
CA PHE B 586 -18.55 -15.63 -26.66
C PHE B 586 -18.16 -17.07 -26.92
N THR B 587 -17.19 -17.28 -27.80
CA THR B 587 -16.72 -18.62 -28.11
C THR B 587 -15.23 -18.51 -28.12
N ILE B 588 -14.53 -19.64 -27.95
CA ILE B 588 -13.08 -19.67 -27.79
C ILE B 588 -12.28 -18.82 -28.80
N SER B 589 -12.71 -18.78 -30.06
CA SER B 589 -11.96 -18.04 -31.08
C SER B 589 -12.21 -16.52 -31.08
N ASP B 590 -13.04 -16.02 -30.17
CA ASP B 590 -13.25 -14.58 -29.99
C ASP B 590 -12.16 -13.89 -29.13
N PHE B 591 -11.10 -14.64 -28.82
CA PHE B 591 -10.06 -14.23 -27.87
C PHE B 591 -8.69 -14.30 -28.53
N THR B 592 -7.92 -13.23 -28.40
CA THR B 592 -6.58 -13.19 -28.95
C THR B 592 -5.61 -12.46 -28.01
N ILE B 593 -4.56 -13.18 -27.62
CA ILE B 593 -3.42 -12.62 -26.90
C ILE B 593 -2.31 -12.20 -27.88
N GLN B 594 -2.10 -10.88 -28.00
CA GLN B 594 -1.13 -10.28 -28.93
C GLN B 594 0.12 -9.87 -28.19
N ASN B 595 1.28 -10.15 -28.78
CA ASN B 595 2.58 -9.69 -28.25
C ASN B 595 3.05 -10.26 -26.91
N TYR B 596 2.55 -11.45 -26.59
CA TYR B 596 3.03 -12.22 -25.46
C TYR B 596 4.52 -12.66 -25.56
N VAL B 597 5.37 -11.88 -24.88
CA VAL B 597 6.83 -12.06 -24.77
C VAL B 597 7.08 -12.55 -23.34
N HIS B 598 7.84 -13.63 -23.20
CA HIS B 598 7.89 -14.31 -21.90
C HIS B 598 9.16 -15.14 -21.71
N HIS B 599 9.57 -15.34 -20.46
CA HIS B 599 10.67 -16.24 -20.11
C HIS B 599 10.24 -17.71 -20.31
N GLU B 600 11.18 -18.64 -20.19
CA GLU B 600 10.85 -20.07 -20.36
C GLU B 600 9.98 -20.61 -19.23
N LYS B 601 9.24 -21.68 -19.51
CA LYS B 601 8.34 -22.27 -18.53
C LYS B 601 9.06 -22.72 -17.27
N ILE B 602 8.32 -22.78 -16.18
CA ILE B 602 8.79 -23.39 -14.94
C ILE B 602 7.79 -24.48 -14.53
N SER B 603 8.31 -25.67 -14.25
CA SER B 603 7.55 -26.75 -13.62
C SER B 603 7.60 -26.45 -12.11
N MET B 604 6.43 -26.17 -11.52
CA MET B 604 6.40 -25.55 -10.18
C MET B 604 6.91 -26.43 -9.01
N ASP B 605 6.82 -27.75 -9.15
CA ASP B 605 7.67 -28.70 -8.40
C ASP B 605 8.62 -29.44 -9.37
N MET B 606 9.92 -29.15 -9.28
CA MET B 606 10.92 -29.48 -10.33
C MET B 606 11.51 -30.91 -10.36
N ALA B 607 10.65 -31.90 -10.65
CA ALA B 607 11.04 -33.31 -10.88
C ALA B 607 9.99 -34.12 -11.66
N ALA B 608 8.71 -33.83 -11.41
CA ALA B 608 7.59 -34.51 -12.08
C ALA B 608 7.04 -33.64 -13.22
N1 9QR C . 12.11 11.83 27.95
C2 9QR C . 11.38 10.72 27.67
N3 9QR C . 11.28 9.73 28.60
C4 9QR C . 11.88 9.82 29.81
C5 9QR C . 12.62 10.95 30.09
C6 9QR C . 12.73 11.96 29.16
N7 9QR C . 13.46 13.07 29.46
C12 9QR C . 14.67 10.85 31.24
C21 9QR C . 15.99 8.87 33.71
C22 9QR C . 16.32 5.42 35.13
C31 9QR C . 18.00 5.20 31.80
N8 9QR C . 10.77 10.59 26.48
C9 9QR C . 11.71 8.71 30.84
C10 9QR C . 12.79 7.69 30.73
O11 9QR C . 13.26 11.07 31.27
C13 9QR C . 15.27 11.70 32.34
C14 9QR C . 14.53 11.40 33.63
O15 9QR C . 15.47 10.98 34.61
C16 9QR C . 15.67 9.65 34.82
C20 9QR C . 16.17 7.52 33.87
C17 9QR C . 15.54 9.08 36.09
C18 9QR C . 15.75 7.69 36.25
C19 9QR C . 16.09 6.91 35.13
C23 9QR C . 17.23 4.80 34.23
C30 9QR C . 18.11 5.61 33.27
C27 9QR C . 15.57 4.58 35.98
N28 9QR C . 14.65 5.04 36.86
N26 9QR C . 15.75 3.24 35.93
C25 9QR C . 16.63 2.66 35.09
N24 9QR C . 17.37 3.44 34.25
N29 9QR C . 16.77 1.31 35.11
PA NAP D . 14.66 19.63 38.30
O1A NAP D . 14.07 20.59 37.28
O2A NAP D . 15.21 18.26 37.96
O5B NAP D . 15.86 20.35 39.08
C5B NAP D . 15.70 21.62 39.69
C4B NAP D . 16.96 21.84 40.49
O4B NAP D . 18.07 22.00 39.59
C3B NAP D . 16.88 23.10 41.36
O3B NAP D . 16.49 22.75 42.71
C2B NAP D . 18.27 23.68 41.26
O2B NAP D . 19.15 22.95 42.10
C1B NAP D . 18.75 23.24 39.88
N9A NAP D . 18.53 24.22 38.79
C8A NAP D . 17.51 24.26 37.91
N7A NAP D . 17.65 25.29 37.04
C5A NAP D . 18.78 25.94 37.36
C6A NAP D . 19.56 27.12 36.87
N6A NAP D . 19.17 27.89 35.82
N1A NAP D . 20.71 27.43 37.50
C2A NAP D . 21.16 26.71 38.55
N3A NAP D . 20.52 25.65 39.06
C4A NAP D . 19.35 25.22 38.51
O3 NAP D . 13.60 19.45 39.51
PN NAP D . 12.01 19.25 39.31
O1N NAP D . 11.43 19.04 40.70
O2N NAP D . 11.50 20.36 38.42
O5D NAP D . 11.85 17.85 38.53
C5D NAP D . 12.48 16.66 39.00
C4D NAP D . 11.59 15.42 38.93
O4D NAP D . 10.71 15.32 37.79
C3D NAP D . 12.53 14.22 38.89
O3D NAP D . 12.65 13.67 40.20
C2D NAP D . 11.95 13.25 37.85
O2D NAP D . 11.47 12.02 38.40
C1D NAP D . 10.84 14.03 37.16
N1N NAP D . 11.14 14.10 35.72
C2N NAP D . 10.35 13.46 34.83
C3N NAP D . 10.59 13.49 33.42
C7N NAP D . 9.70 12.76 32.41
O7N NAP D . 9.97 12.80 31.20
N7N NAP D . 8.63 12.07 32.83
C4N NAP D . 11.69 14.23 32.97
C5N NAP D . 12.49 14.89 33.92
C6N NAP D . 12.20 14.81 35.29
P2B NAP D . 19.67 23.41 43.53
O1X NAP D . 18.49 23.20 44.45
O2X NAP D . 20.79 22.43 43.75
O3X NAP D . 20.13 24.83 43.35
N1 UMP E . -23.26 1.81 5.48
C2 UMP E . -21.97 1.72 6.10
N3 UMP E . -21.76 0.90 7.13
C4 UMP E . -22.78 0.14 7.65
C5 UMP E . -24.08 0.21 7.10
C6 UMP E . -24.30 1.08 6.00
O2 UMP E . -21.03 2.41 5.67
O4 UMP E . -22.55 -0.63 8.62
C1' UMP E . -23.53 2.76 4.39
C2' UMP E . -22.86 2.64 3.04
C3' UMP E . -23.88 3.36 2.16
C4' UMP E . -25.26 3.05 2.79
O3' UMP E . -23.65 4.80 2.17
O4' UMP E . -24.96 2.85 4.17
C5' UMP E . -25.99 1.79 2.28
O5' UMP E . -26.32 2.00 0.91
P UMP E . -26.12 0.95 -0.30
OP1 UMP E . -26.75 1.71 -1.41
OP2 UMP E . -24.68 0.77 -0.55
OP3 UMP E . -26.88 -0.28 0.12
N1 9QR F . 15.60 7.11 -27.79
C2 9QR F . 14.31 6.86 -27.51
N3 9QR F . 13.34 7.26 -28.37
C4 9QR F . 13.62 7.92 -29.53
C5 9QR F . 14.95 8.15 -29.83
C6 9QR F . 15.94 7.75 -28.93
N7 9QR F . 17.24 7.99 -29.20
C12 9QR F . 16.20 8.38 -31.94
C21 9QR F . 13.46 11.80 -33.15
C22 9QR F . 10.92 13.88 -35.02
C31 9QR F . 11.14 15.74 -32.02
N8 9QR F . 13.98 6.22 -26.37
C9 9QR F . 12.50 8.33 -30.49
C10 9QR F . 12.10 9.80 -30.34
O11 9QR F . 15.25 8.82 -30.97
C13 9QR F . 17.02 9.59 -32.34
C14 9QR F . 16.15 10.80 -32.67
O15 9QR F . 15.40 10.58 -33.86
C16 9QR F . 14.33 11.38 -34.17
C20 9QR F . 12.36 12.60 -33.44
C17 9QR F . 14.10 11.79 -35.49
C18 9QR F . 13.00 12.62 -35.78
C19 9QR F . 12.13 13.03 -34.76
C23 9QR F . 10.68 15.14 -34.43
C30 9QR F . 11.63 15.82 -33.46
C27 9QR F . 9.95 13.37 -35.91
N28 9QR F . 10.09 12.16 -36.52
N26 9QR F . 8.83 14.09 -36.19
C25 9QR F . 8.62 15.30 -35.61
N24 9QR F . 9.54 15.82 -34.75
N29 9QR F . 7.48 15.98 -35.92
PA NAP G . 23.52 6.94 -38.57
O1A NAP G . 24.21 6.36 -37.36
O2A NAP G . 22.44 7.99 -38.41
O5B NAP G . 24.65 7.61 -39.50
C5B NAP G . 25.68 6.81 -40.10
C4B NAP G . 26.53 7.70 -40.99
O4B NAP G . 27.24 8.65 -40.17
C3B NAP G . 27.55 6.92 -41.81
O3B NAP G . 27.14 6.68 -43.16
C2B NAP G . 28.82 7.77 -41.75
O2B NAP G . 29.07 8.48 -42.99
C1B NAP G . 28.64 8.62 -40.47
N9A NAP G . 29.41 8.04 -39.32
C8A NAP G . 29.15 6.90 -38.63
N7A NAP G . 30.07 6.69 -37.65
C5A NAP G . 30.93 7.72 -37.68
C6A NAP G . 32.13 8.17 -36.92
N6A NAP G . 32.65 7.46 -35.90
N1A NAP G . 32.74 9.33 -37.30
C2A NAP G . 32.27 10.09 -38.31
N3A NAP G . 31.19 9.75 -39.03
C4A NAP G . 30.49 8.61 -38.78
O3 NAP G . 22.95 5.73 -39.48
PN NAP G . 22.49 4.29 -38.93
O1N NAP G . 22.07 3.44 -40.10
O2N NAP G . 23.56 3.75 -38.02
O5D NAP G . 21.14 4.62 -38.11
C5D NAP G . 20.19 5.57 -38.56
C4D NAP G . 19.06 4.83 -39.27
O4D NAP G . 18.22 4.25 -38.26
C3D NAP G . 18.20 5.75 -40.12
O3D NAP G . 18.30 5.37 -41.51
C2D NAP G . 16.80 5.63 -39.59
O2D NAP G . 15.92 4.93 -40.49
C1D NAP G . 16.92 4.85 -38.27
N1N NAP G . 16.77 5.67 -37.06
C2N NAP G . 16.89 5.04 -35.87
C3N NAP G . 16.76 5.74 -34.67
C7N NAP G . 16.89 5.05 -33.34
O7N NAP G . 18.01 4.92 -32.86
N7N NAP G . 15.80 4.61 -32.71
C4N NAP G . 16.51 7.11 -34.75
C5N NAP G . 16.38 7.76 -35.96
C6N NAP G . 16.52 7.01 -37.12
P2B NAP G . 28.73 9.99 -43.44
O1X NAP G . 28.77 9.95 -44.94
O2X NAP G . 27.35 10.32 -42.93
O3X NAP G . 29.84 10.83 -42.83
N1 UMP H . -6.45 -22.46 -5.51
C2 UMP H . -6.06 -21.20 -6.10
N3 UMP H . -6.81 -20.68 -7.09
C4 UMP H . -7.91 -21.33 -7.53
C5 UMP H . -8.31 -22.56 -7.00
C6 UMP H . -7.54 -23.10 -5.98
O2 UMP H . -5.06 -20.56 -5.72
O4 UMP H . -8.58 -20.83 -8.46
C1' UMP H . -5.67 -23.11 -4.47
C2' UMP H . -5.68 -22.43 -3.12
C3' UMP H . -5.45 -23.61 -2.19
C4' UMP H . -6.10 -24.81 -2.87
O3' UMP H . -4.04 -23.82 -2.10
O4' UMP H . -6.11 -24.48 -4.26
C5' UMP H . -7.55 -25.02 -2.37
O5' UMP H . -7.50 -25.44 -1.01
P UMP H . -8.37 -24.80 0.18
OP1 UMP H . -7.96 -25.57 1.37
OP2 UMP H . -8.02 -23.37 0.30
OP3 UMP H . -9.82 -25.06 -0.23
#